data_9EC9
#
_entry.id   9EC9
#
_cell.length_a   1.00
_cell.length_b   1.00
_cell.length_c   1.00
_cell.angle_alpha   90.00
_cell.angle_beta   90.00
_cell.angle_gamma   90.00
#
_symmetry.space_group_name_H-M   'P 1'
#
loop_
_entity.id
_entity.type
_entity.pdbx_description
1 polymer EsCas13d
2 polymer crRNA
3 polymer 'Target RNA'
4 non-polymer 'MAGNESIUM ION'
#
loop_
_entity_poly.entity_id
_entity_poly.type
_entity_poly.pdbx_seq_one_letter_code
_entity_poly.pdbx_strand_id
1 'polypeptide(L)'
;MGKKIHARDLREQRKTDRTEKFADQNKKREAERAVPKKDAAVSVKSVSSVSSKKDNVTKSMAKAAGVKSVFAVGNTVYMT
SFGRGNDAVLEQKIVDTSHEPLNIDDPAYQLNVVTMNGYSVTGHRGETVSAVTDNPLRRFNGRKKDEPEQSVPTDMLCLK
PTLEKKFFGKEFDDNIHIQLIYNILDIEKILAVYSTNAIYALNNMSADENIENSDFFMKRTTDETFDDFEKKKESTNSRE
KADFDAFEKFIGNYRLAYFADAFYVNKKNPKGKAKNVLREDKELYSVLTLIGKLRHWCVHSEEGRAEFWLYKLDELKDDF
KNVLDVVYNRPVEEINNRFIENNKVNIQILGSVYKNTDIAELVRSYYEFLITKKYKNMGFSIKKLRESMLEGKGYADKEY
DSVRNKLYQMTDFILYTGYINEDSDRADDLVNTLRSSLKEDDKTTVYCKEADYLWKKYRESIREVADALDGDNIKKLSKS
NIEIQEDKLRKCFISYADSVSEFTKLIYLLTRFLSGKEINDLVTTLINKFDNIRSFLEIMDELGLDRTFTAEYSFFEGST
KYLAELVELNSFVKSCSFDINAKRTMYRDALDILGIESDKTEEDIEKMIDNILQIDANGDKKLKKNNGLRNFIASNVIDS
NRFKYLVRYGNPKKIRETAKCKPAVRFVLNEIPDAQIERYYEACCPKNTALCSANKRREKLADMIAEIKFENFSDAGNYQ
KANVTSRTSEAEIKRKNQAIIRLYLTVMYIMLKNLVNVNARYVIAFHCVERDTKLYAESGLEVGNIEKNKTNLTMAVMGV
KLENGIIKTEFDKSFAENAANRYLRNARWYKLILDNLKKSERAVVNEFRNTVCHLNAIRNININIKEIKEVENYFALYHY
LIQKHLENRFADKKVERDTGDFISKLEEHKTYCKDFVKAYCTPFGYNLVRYKNLTIDGLFDKNYPGKDDSDEQK
;
A
2 'polyribonucleotide' CACCCGUGCAAAAAUGCAGGGGUCUAAAACUGAGCGGAUAACCUCUCUAUGG B
3 'polyribonucleotide' CGUACCAUAGAGAGGUUAUCCGCUCACCGA C
#
loop_
_chem_comp.id
_chem_comp.type
_chem_comp.name
_chem_comp.formula
A RNA linking ADENOSINE-5'-MONOPHOSPHATE 'C10 H14 N5 O7 P'
C RNA linking CYTIDINE-5'-MONOPHOSPHATE 'C9 H14 N3 O8 P'
G RNA linking GUANOSINE-5'-MONOPHOSPHATE 'C10 H14 N5 O8 P'
MG non-polymer 'MAGNESIUM ION' 'Mg 2'
U RNA linking URIDINE-5'-MONOPHOSPHATE 'C9 H13 N2 O9 P'
#
# COMPACT_ATOMS: atom_id res chain seq x y z
N LYS A 59 -24.57 2.65 -8.12
CA LYS A 59 -25.81 2.53 -7.36
C LYS A 59 -26.18 3.87 -6.74
N SER A 60 -25.31 4.86 -6.91
CA SER A 60 -25.54 6.21 -6.42
C SER A 60 -26.17 7.03 -7.55
N MET A 61 -27.52 7.09 -7.53
CA MET A 61 -28.26 7.71 -8.63
C MET A 61 -27.81 9.14 -8.89
N ALA A 62 -27.29 9.82 -7.86
CA ALA A 62 -26.89 11.21 -8.00
C ALA A 62 -25.89 11.38 -9.13
N LYS A 63 -24.82 10.57 -9.14
CA LYS A 63 -23.80 10.69 -10.16
C LYS A 63 -24.37 10.42 -11.55
N ALA A 64 -25.17 9.37 -11.67
CA ALA A 64 -25.86 9.09 -12.93
C ALA A 64 -26.61 10.32 -13.44
N ALA A 65 -27.45 10.90 -12.58
CA ALA A 65 -28.14 12.14 -12.92
C ALA A 65 -27.19 13.27 -13.28
N GLY A 66 -25.92 13.17 -12.87
CA GLY A 66 -24.88 14.05 -13.38
C GLY A 66 -24.25 15.00 -12.38
N VAL A 67 -24.72 15.04 -11.12
CA VAL A 67 -24.07 15.90 -10.14
C VAL A 67 -22.75 15.26 -9.75
N LYS A 68 -21.65 15.96 -10.01
CA LYS A 68 -20.32 15.41 -9.77
C LYS A 68 -19.86 15.65 -8.34
N SER A 69 -19.68 16.92 -7.96
CA SER A 69 -19.17 17.26 -6.63
C SER A 69 -19.88 18.52 -6.14
N VAL A 70 -20.63 18.38 -5.04
CA VAL A 70 -21.29 19.52 -4.41
C VAL A 70 -20.32 20.20 -3.45
N PHE A 71 -20.23 21.53 -3.54
CA PHE A 71 -19.31 22.34 -2.75
C PHE A 71 -20.05 23.42 -1.98
N ALA A 72 -19.54 23.70 -0.78
CA ALA A 72 -19.90 24.90 -0.04
C ALA A 72 -18.80 25.93 -0.17
N VAL A 73 -19.19 27.19 -0.37
CA VAL A 73 -18.23 28.29 -0.48
C VAL A 73 -18.83 29.50 0.22
N GLY A 74 -18.36 29.75 1.44
CA GLY A 74 -19.00 30.77 2.27
C GLY A 74 -20.44 30.43 2.57
N ASN A 75 -21.33 31.39 2.32
CA ASN A 75 -22.76 31.18 2.49
C ASN A 75 -23.40 30.43 1.34
N THR A 76 -22.72 30.29 0.20
CA THR A 76 -23.31 29.76 -1.02
C THR A 76 -22.90 28.31 -1.24
N VAL A 77 -23.63 27.65 -2.12
CA VAL A 77 -23.34 26.27 -2.52
C VAL A 77 -23.23 26.21 -4.04
N TYR A 78 -22.30 25.40 -4.52
CA TYR A 78 -22.09 25.19 -5.95
C TYR A 78 -22.22 23.71 -6.27
N MET A 79 -22.69 23.42 -7.48
CA MET A 79 -22.71 22.06 -8.00
C MET A 79 -21.97 21.98 -9.33
N THR A 80 -21.36 20.82 -9.60
CA THR A 80 -20.57 20.61 -10.79
C THR A 80 -21.07 19.40 -11.56
N SER A 81 -20.72 19.34 -12.84
CA SER A 81 -21.09 18.25 -13.74
C SER A 81 -19.85 17.68 -14.40
N PHE A 82 -19.90 16.39 -14.72
CA PHE A 82 -18.82 15.75 -15.46
C PHE A 82 -18.65 16.38 -16.83
N GLY A 83 -17.47 16.22 -17.41
CA GLY A 83 -17.18 16.83 -18.69
C GLY A 83 -16.29 15.98 -19.56
N ARG A 84 -15.40 16.59 -20.34
CA ARG A 84 -14.52 15.87 -21.26
C ARG A 84 -13.34 15.31 -20.47
N GLY A 85 -13.61 14.30 -19.66
CA GLY A 85 -12.58 13.76 -18.80
C GLY A 85 -12.98 13.93 -17.36
N ASN A 86 -12.00 13.77 -16.47
CA ASN A 86 -12.28 14.05 -15.07
C ASN A 86 -12.28 15.54 -14.80
N ASP A 87 -12.31 16.36 -15.84
CA ASP A 87 -12.43 17.80 -15.72
C ASP A 87 -13.82 18.13 -15.16
N ALA A 88 -14.00 19.36 -14.68
CA ALA A 88 -15.27 19.76 -14.09
C ALA A 88 -15.72 21.09 -14.66
N VAL A 89 -17.03 21.25 -14.78
CA VAL A 89 -17.64 22.54 -15.03
C VAL A 89 -18.56 22.87 -13.87
N LEU A 90 -18.49 24.11 -13.38
CA LEU A 90 -19.42 24.57 -12.36
C LEU A 90 -20.79 24.78 -12.99
N GLU A 91 -21.80 24.12 -12.44
CA GLU A 91 -23.08 23.95 -13.11
C GLU A 91 -24.15 24.88 -12.56
N GLN A 92 -24.32 24.90 -11.24
CA GLN A 92 -25.42 25.62 -10.62
C GLN A 92 -24.91 26.34 -9.38
N LYS A 93 -25.41 27.55 -9.15
CA LYS A 93 -25.22 28.26 -7.90
C LYS A 93 -26.51 28.21 -7.09
N ILE A 94 -26.38 27.93 -5.81
CA ILE A 94 -27.50 27.98 -4.88
C ILE A 94 -27.19 29.00 -3.79
N VAL A 95 -28.18 29.82 -3.46
CA VAL A 95 -28.06 30.84 -2.42
C VAL A 95 -29.32 30.79 -1.58
N ASP A 96 -29.28 30.05 -0.47
CA ASP A 96 -30.46 29.65 0.28
C ASP A 96 -31.49 28.99 -0.64
N THR A 97 -32.63 29.63 -0.82
CA THR A 97 -33.67 29.09 -1.69
C THR A 97 -33.56 29.58 -3.13
N SER A 98 -32.79 30.62 -3.39
CA SER A 98 -32.59 31.10 -4.75
C SER A 98 -31.48 30.30 -5.44
N HIS A 99 -31.64 30.12 -6.74
CA HIS A 99 -30.63 29.45 -7.54
C HIS A 99 -30.60 30.05 -8.94
N GLU A 100 -29.43 30.06 -9.55
CA GLU A 100 -29.28 30.55 -10.91
C GLU A 100 -28.25 29.73 -11.68
N PRO A 101 -28.49 29.49 -12.97
CA PRO A 101 -27.54 28.70 -13.77
C PRO A 101 -26.36 29.54 -14.25
N LEU A 102 -25.17 28.96 -14.18
CA LEU A 102 -23.95 29.55 -14.73
C LEU A 102 -23.60 29.02 -16.10
N ASN A 103 -23.78 27.71 -16.33
CA ASN A 103 -23.48 27.09 -17.61
C ASN A 103 -24.68 27.24 -18.52
N ILE A 104 -24.63 28.27 -19.36
CA ILE A 104 -25.76 28.64 -20.20
C ILE A 104 -25.90 27.70 -21.40
N ASP A 105 -24.78 27.33 -22.02
CA ASP A 105 -24.77 26.58 -23.26
C ASP A 105 -24.51 25.11 -23.01
N ASP A 106 -25.38 24.27 -23.57
CA ASP A 106 -25.40 22.83 -23.32
C ASP A 106 -25.47 22.47 -21.82
N PRO A 107 -26.49 22.94 -21.10
CA PRO A 107 -26.61 22.59 -19.68
C PRO A 107 -26.69 21.09 -19.50
N ALA A 108 -26.05 20.59 -18.43
CA ALA A 108 -26.05 19.17 -18.17
C ALA A 108 -27.26 18.71 -17.38
N TYR A 109 -27.69 19.48 -16.38
CA TYR A 109 -28.80 19.07 -15.54
C TYR A 109 -29.48 20.31 -14.96
N GLN A 110 -30.70 20.12 -14.47
CA GLN A 110 -31.53 21.20 -13.95
C GLN A 110 -32.14 20.78 -12.62
N LEU A 111 -32.27 21.73 -11.70
CA LEU A 111 -32.87 21.49 -10.41
C LEU A 111 -34.39 21.45 -10.54
N ASN A 112 -35.02 20.45 -9.91
CA ASN A 112 -36.47 20.42 -9.81
C ASN A 112 -36.97 21.25 -8.63
N VAL A 113 -36.39 21.04 -7.44
CA VAL A 113 -36.74 21.79 -6.25
C VAL A 113 -35.46 22.29 -5.61
N VAL A 114 -35.60 23.28 -4.74
CA VAL A 114 -34.44 23.90 -4.11
C VAL A 114 -34.65 24.00 -2.61
N THR A 115 -35.28 23.00 -2.02
CA THR A 115 -35.48 22.98 -0.57
C THR A 115 -34.13 23.03 0.13
N MET A 116 -34.06 23.83 1.20
CA MET A 116 -32.81 23.98 1.93
C MET A 116 -32.31 22.64 2.46
N ASN A 117 -33.22 21.71 2.76
CA ASN A 117 -32.81 20.42 3.28
C ASN A 117 -32.07 19.61 2.23
N GLY A 118 -32.63 19.50 1.03
CA GLY A 118 -32.04 18.72 -0.04
C GLY A 118 -32.53 19.22 -1.38
N TYR A 119 -31.69 19.04 -2.41
CA TYR A 119 -32.00 19.55 -3.74
C TYR A 119 -32.16 18.39 -4.71
N SER A 120 -33.36 18.24 -5.27
CA SER A 120 -33.61 17.22 -6.28
C SER A 120 -33.26 17.77 -7.65
N VAL A 121 -32.58 16.96 -8.46
CA VAL A 121 -32.09 17.40 -9.76
C VAL A 121 -32.42 16.35 -10.81
N THR A 122 -32.92 16.80 -11.96
CA THR A 122 -33.20 15.92 -13.09
C THR A 122 -32.06 16.03 -14.10
N GLY A 123 -31.91 15.00 -14.92
CA GLY A 123 -30.81 14.98 -15.86
C GLY A 123 -31.17 15.10 -17.32
N HIS A 124 -30.62 16.09 -18.01
CA HIS A 124 -30.83 16.24 -19.45
C HIS A 124 -29.70 15.68 -20.29
N ARG A 125 -28.49 15.65 -19.75
CA ARG A 125 -27.44 14.80 -20.29
C ARG A 125 -27.67 13.36 -19.90
N GLY A 126 -27.38 12.44 -20.82
CA GLY A 126 -27.59 11.04 -20.54
C GLY A 126 -29.06 10.70 -20.36
N GLU A 127 -29.29 9.51 -19.81
CA GLU A 127 -30.64 9.08 -19.49
C GLU A 127 -31.23 9.94 -18.37
N THR A 128 -32.52 10.25 -18.49
CA THR A 128 -33.17 11.27 -17.66
C THR A 128 -33.49 10.74 -16.27
N VAL A 129 -32.44 10.32 -15.56
CA VAL A 129 -32.57 9.99 -14.15
C VAL A 129 -32.81 11.27 -13.36
N SER A 130 -33.59 11.16 -12.27
CA SER A 130 -33.72 12.25 -11.31
C SER A 130 -33.40 11.77 -9.91
N ALA A 131 -32.67 12.59 -9.16
CA ALA A 131 -32.09 12.19 -7.89
C ALA A 131 -32.06 13.39 -6.96
N VAL A 132 -31.87 13.12 -5.67
CA VAL A 132 -31.82 14.16 -4.64
C VAL A 132 -30.41 14.21 -4.08
N THR A 133 -29.92 15.43 -3.85
CA THR A 133 -28.58 15.67 -3.30
C THR A 133 -28.70 16.42 -1.99
N ASP A 134 -27.99 15.95 -0.96
CA ASP A 134 -28.06 16.58 0.33
C ASP A 134 -27.31 17.91 0.32
N ASN A 135 -27.71 18.80 1.24
CA ASN A 135 -27.09 20.11 1.33
C ASN A 135 -25.78 20.01 2.10
N PRO A 136 -24.64 20.40 1.50
CA PRO A 136 -23.37 20.37 2.26
C PRO A 136 -23.39 21.23 3.51
N LEU A 137 -24.08 22.37 3.48
CA LEU A 137 -24.12 23.27 4.62
C LEU A 137 -24.92 22.71 5.79
N ARG A 138 -25.65 21.62 5.57
CA ARG A 138 -26.46 20.97 6.59
C ARG A 138 -25.93 19.60 6.96
N ARG A 139 -24.64 19.34 6.69
CA ARG A 139 -24.09 18.01 6.91
C ARG A 139 -24.23 17.55 8.35
N PHE A 140 -23.83 18.40 9.31
CA PHE A 140 -23.85 18.01 10.71
C PHE A 140 -24.88 18.78 11.53
N ASN A 141 -25.72 19.57 10.88
CA ASN A 141 -26.76 20.34 11.55
C ASN A 141 -28.10 19.70 11.20
N GLY A 142 -28.84 19.25 12.22
CA GLY A 142 -30.15 18.71 11.97
C GLY A 142 -30.63 17.77 13.06
N ARG A 143 -31.86 17.96 13.54
CA ARG A 143 -32.48 17.09 14.53
C ARG A 143 -31.51 16.77 15.67
N LYS A 144 -30.64 17.74 15.98
CA LYS A 144 -29.67 17.62 17.05
C LYS A 144 -30.33 17.83 18.41
N PRO A 148 -26.06 28.03 13.58
CA PRO A 148 -25.88 26.56 13.68
C PRO A 148 -26.89 25.80 12.83
N GLU A 149 -27.86 26.51 12.26
CA GLU A 149 -28.75 25.89 11.30
C GLU A 149 -28.06 25.65 9.97
N GLN A 150 -27.04 26.45 9.64
CA GLN A 150 -26.20 26.20 8.48
C GLN A 150 -24.75 26.48 8.83
N SER A 151 -23.85 25.58 8.43
CA SER A 151 -22.43 25.82 8.59
C SER A 151 -21.66 24.90 7.64
N VAL A 152 -20.46 25.34 7.29
CA VAL A 152 -19.60 24.58 6.39
C VAL A 152 -19.12 23.32 7.11
N PRO A 153 -19.19 22.14 6.48
CA PRO A 153 -18.89 20.90 7.19
C PRO A 153 -17.39 20.74 7.40
N THR A 154 -17.04 19.77 8.24
CA THR A 154 -15.66 19.47 8.59
C THR A 154 -15.44 17.97 8.49
N ASP A 155 -14.18 17.58 8.29
CA ASP A 155 -13.84 16.18 8.16
C ASP A 155 -14.07 15.44 9.47
N MET A 156 -14.14 14.11 9.37
CA MET A 156 -14.34 13.27 10.53
C MET A 156 -13.17 13.32 11.51
N LEU A 157 -11.98 13.67 11.05
CA LEU A 157 -10.83 13.78 11.95
C LEU A 157 -10.74 15.15 12.63
N CYS A 158 -11.58 16.11 12.24
CA CYS A 158 -11.48 17.49 12.68
C CYS A 158 -10.13 18.12 12.36
N LEU A 159 -9.43 17.58 11.36
CA LEU A 159 -8.13 18.09 10.94
C LEU A 159 -8.21 19.19 9.90
N LYS A 160 -9.39 19.46 9.34
CA LYS A 160 -9.52 20.45 8.26
C LYS A 160 -8.84 21.79 8.53
N PRO A 161 -9.06 22.47 9.66
CA PRO A 161 -8.34 23.75 9.88
C PRO A 161 -6.84 23.61 9.87
N THR A 162 -6.33 22.45 10.31
CA THR A 162 -4.89 22.23 10.35
C THR A 162 -4.36 21.94 8.96
N LEU A 163 -4.94 20.96 8.27
CA LEU A 163 -4.47 20.64 6.93
C LEU A 163 -4.52 21.86 6.03
N GLU A 164 -5.64 22.61 6.09
CA GLU A 164 -5.78 23.80 5.26
C GLU A 164 -4.75 24.88 5.60
N LYS A 165 -4.42 25.04 6.89
CA LYS A 165 -3.42 26.03 7.24
C LYS A 165 -1.99 25.52 7.00
N LYS A 166 -1.82 24.21 6.90
CA LYS A 166 -0.53 23.63 6.57
C LYS A 166 -0.21 23.80 5.09
N PHE A 167 -1.15 23.43 4.22
CA PHE A 167 -0.89 23.48 2.79
C PHE A 167 -1.07 24.89 2.23
N PHE A 168 -2.16 25.57 2.60
CA PHE A 168 -2.35 26.96 2.22
C PHE A 168 -2.06 27.86 3.42
N GLY A 169 -1.85 29.14 3.12
CA GLY A 169 -1.43 30.07 4.16
C GLY A 169 -2.51 30.45 5.15
N LYS A 170 -3.75 30.03 4.92
CA LYS A 170 -4.86 30.54 5.70
C LYS A 170 -6.04 29.58 5.57
N GLU A 171 -6.99 29.73 6.48
CA GLU A 171 -8.29 29.11 6.36
C GLU A 171 -9.20 29.94 5.45
N PHE A 172 -10.19 29.25 4.86
CA PHE A 172 -10.94 29.80 3.74
C PHE A 172 -12.44 29.90 3.99
N ASP A 173 -12.99 29.10 4.91
CA ASP A 173 -14.44 28.90 5.06
C ASP A 173 -15.06 28.36 3.77
N ASP A 174 -14.39 27.36 3.18
CA ASP A 174 -14.98 26.53 2.12
C ASP A 174 -14.58 25.08 2.41
N ASN A 175 -15.11 24.16 1.60
CA ASN A 175 -14.68 22.77 1.65
C ASN A 175 -14.21 22.23 0.30
N ILE A 176 -13.71 23.12 -0.57
CA ILE A 176 -12.97 22.66 -1.75
C ILE A 176 -11.55 22.24 -1.37
N HIS A 177 -10.85 23.10 -0.63
CA HIS A 177 -9.43 22.88 -0.31
C HIS A 177 -9.20 21.55 0.40
N ILE A 178 -10.10 21.16 1.30
CA ILE A 178 -9.91 19.92 2.04
C ILE A 178 -9.93 18.69 1.14
N GLN A 179 -10.74 18.70 0.07
CA GLN A 179 -10.78 17.53 -0.81
C GLN A 179 -9.47 17.38 -1.58
N LEU A 180 -8.92 18.51 -2.06
CA LEU A 180 -7.60 18.53 -2.66
C LEU A 180 -6.53 18.01 -1.69
N ILE A 181 -6.55 18.49 -0.45
CA ILE A 181 -5.56 18.02 0.50
C ILE A 181 -5.71 16.53 0.78
N TYR A 182 -6.95 16.05 0.90
CA TYR A 182 -7.12 14.62 1.13
C TYR A 182 -6.67 13.79 -0.08
N ASN A 183 -6.67 14.38 -1.27
CA ASN A 183 -6.07 13.67 -2.39
C ASN A 183 -4.55 13.66 -2.30
N ILE A 184 -3.95 14.73 -1.78
CA ILE A 184 -2.51 14.71 -1.58
C ILE A 184 -2.12 13.68 -0.53
N LEU A 185 -2.94 13.56 0.52
CA LEU A 185 -2.77 12.49 1.49
C LEU A 185 -2.90 11.12 0.86
N ASP A 186 -3.78 10.99 -0.14
CA ASP A 186 -3.91 9.69 -0.80
C ASP A 186 -2.71 9.39 -1.68
N ILE A 187 -2.12 10.43 -2.28
CA ILE A 187 -0.86 10.27 -3.00
C ILE A 187 0.22 9.72 -2.08
N GLU A 188 0.37 10.32 -0.90
CA GLU A 188 1.37 9.86 0.05
C GLU A 188 1.05 8.47 0.61
N LYS A 189 -0.22 8.18 0.83
CA LYS A 189 -0.63 6.86 1.30
C LYS A 189 -0.14 5.72 0.41
N ILE A 190 -0.29 5.85 -0.90
CA ILE A 190 0.03 4.73 -1.79
C ILE A 190 1.53 4.57 -2.02
N LEU A 191 2.30 5.65 -2.04
CA LEU A 191 3.75 5.53 -2.13
C LEU A 191 4.35 4.84 -0.92
N ALA A 192 3.71 4.95 0.25
CA ALA A 192 4.16 4.22 1.42
C ALA A 192 4.14 2.70 1.20
N VAL A 193 3.15 2.18 0.49
CA VAL A 193 3.10 0.74 0.21
C VAL A 193 4.23 0.33 -0.72
N TYR A 194 4.32 0.97 -1.88
CA TYR A 194 5.24 0.49 -2.90
C TYR A 194 6.70 0.77 -2.56
N SER A 195 6.98 1.86 -1.82
CA SER A 195 8.32 2.08 -1.31
C SER A 195 8.77 0.99 -0.33
N THR A 196 7.88 0.52 0.55
CA THR A 196 8.30 -0.55 1.46
C THR A 196 8.39 -1.89 0.76
N ASN A 197 7.52 -2.15 -0.22
CA ASN A 197 7.65 -3.37 -1.03
C ASN A 197 8.97 -3.38 -1.80
N ALA A 198 9.37 -2.24 -2.35
CA ALA A 198 10.66 -2.15 -3.03
C ALA A 198 11.81 -2.47 -2.07
N ILE A 199 11.83 -1.83 -0.91
CA ILE A 199 12.86 -2.09 0.09
C ILE A 199 12.79 -3.54 0.56
N TYR A 200 11.59 -4.12 0.66
CA TYR A 200 11.48 -5.53 1.00
C TYR A 200 12.10 -6.42 -0.09
N ALA A 201 11.85 -6.11 -1.36
CA ALA A 201 12.43 -6.89 -2.45
C ALA A 201 13.95 -6.92 -2.39
N LEU A 202 14.57 -5.79 -2.06
CA LEU A 202 16.02 -5.74 -1.91
C LEU A 202 16.50 -6.44 -0.64
N ASN A 203 15.84 -6.18 0.49
CA ASN A 203 16.25 -6.79 1.75
C ASN A 203 16.11 -8.31 1.70
N ASN A 204 15.15 -8.83 0.93
CA ASN A 204 15.01 -10.28 0.79
C ASN A 204 16.24 -10.92 0.15
N MET A 205 16.99 -10.18 -0.65
CA MET A 205 18.19 -10.72 -1.28
C MET A 205 19.25 -11.11 -0.25
N SER A 206 19.18 -10.58 0.97
CA SER A 206 20.14 -10.92 2.01
C SER A 206 19.89 -12.28 2.65
N ALA A 207 18.80 -12.94 2.29
CA ALA A 207 18.45 -14.23 2.90
C ALA A 207 19.54 -15.27 2.72
N SER A 214 19.85 -6.39 8.01
CA SER A 214 20.84 -5.69 8.79
C SER A 214 20.58 -4.19 8.79
N ASP A 215 19.34 -3.81 8.48
CA ASP A 215 18.82 -2.44 8.53
C ASP A 215 19.60 -1.45 7.69
N PHE A 216 20.53 -1.93 6.85
CA PHE A 216 21.22 -1.04 5.92
C PHE A 216 20.23 -0.28 5.04
N PHE A 217 19.20 -0.96 4.56
CA PHE A 217 18.22 -0.34 3.67
C PHE A 217 17.32 0.65 4.40
N MET A 218 17.14 0.50 5.71
CA MET A 218 16.15 1.25 6.47
C MET A 218 16.65 2.64 6.86
N LYS A 219 17.88 3.00 6.49
CA LYS A 219 18.65 4.03 7.17
C LYS A 219 19.17 5.13 6.26
N ARG A 220 19.22 4.89 4.94
CA ARG A 220 19.90 5.81 4.04
C ARG A 220 19.25 7.19 4.06
N THR A 221 20.05 8.21 3.74
CA THR A 221 19.56 9.57 3.51
C THR A 221 20.26 10.13 2.29
N THR A 222 19.65 11.16 1.71
CA THR A 222 20.17 11.78 0.50
C THR A 222 21.16 12.91 0.78
N ASP A 223 21.47 13.18 2.05
CA ASP A 223 22.46 14.19 2.37
C ASP A 223 23.89 13.67 2.18
N GLU A 224 24.11 12.38 2.38
CA GLU A 224 25.42 11.75 2.22
C GLU A 224 25.61 11.26 0.79
N THR A 225 26.23 12.09 -0.05
CA THR A 225 26.64 11.66 -1.37
C THR A 225 27.70 10.57 -1.26
N PHE A 226 27.95 9.89 -2.39
CA PHE A 226 28.88 8.77 -2.39
C PHE A 226 30.30 9.20 -2.03
N ASP A 227 30.69 10.44 -2.37
CA ASP A 227 32.00 10.93 -1.96
C ASP A 227 32.19 10.97 -0.45
N ASP A 228 31.10 11.05 0.33
CA ASP A 228 31.21 10.88 1.77
C ASP A 228 31.04 9.44 2.22
N PHE A 229 30.19 8.68 1.53
CA PHE A 229 30.06 7.25 1.85
C PHE A 229 31.35 6.50 1.55
N GLU A 230 32.13 6.99 0.59
CA GLU A 230 33.49 6.48 0.37
C GLU A 230 34.36 6.63 1.62
N LYS A 231 34.26 7.77 2.31
CA LYS A 231 35.06 7.96 3.52
C LYS A 231 34.72 6.93 4.59
N LYS A 232 33.48 6.46 4.65
CA LYS A 232 33.08 5.48 5.65
C LYS A 232 33.78 4.14 5.45
N LYS A 233 34.46 3.94 4.33
CA LYS A 233 35.32 2.78 4.15
C LYS A 233 36.42 2.71 5.21
N GLU A 234 36.91 3.86 5.67
CA GLU A 234 38.10 3.92 6.50
C GLU A 234 37.80 4.33 7.94
N SER A 235 36.54 4.34 8.34
CA SER A 235 36.19 4.57 9.73
C SER A 235 36.51 3.35 10.58
N THR A 236 36.85 3.59 11.85
CA THR A 236 37.00 2.54 12.84
C THR A 236 35.71 2.17 13.55
N ASN A 237 34.69 3.04 13.52
CA ASN A 237 33.47 2.80 14.27
C ASN A 237 32.73 1.60 13.69
N SER A 238 32.37 0.65 14.58
CA SER A 238 31.76 -0.60 14.13
C SER A 238 30.45 -0.37 13.39
N ARG A 239 29.73 0.70 13.69
CA ARG A 239 28.52 1.01 12.95
C ARG A 239 28.83 1.31 11.48
N GLU A 240 29.85 2.12 11.23
CA GLU A 240 30.17 2.53 9.86
C GLU A 240 30.86 1.44 9.06
N LYS A 241 31.68 0.62 9.71
CA LYS A 241 32.18 -0.60 9.06
C LYS A 241 31.05 -1.55 8.70
N ALA A 242 30.06 -1.72 9.58
CA ALA A 242 28.90 -2.54 9.23
C ALA A 242 28.10 -1.91 8.09
N ASP A 243 27.98 -0.58 8.08
CA ASP A 243 27.27 0.11 7.02
C ASP A 243 27.93 -0.08 5.66
N PHE A 244 29.25 -0.01 5.61
CA PHE A 244 29.96 -0.25 4.35
C PHE A 244 29.99 -1.74 3.98
N ASP A 245 30.21 -2.62 4.95
CA ASP A 245 30.24 -4.05 4.66
C ASP A 245 28.91 -4.52 4.12
N ALA A 246 27.80 -3.98 4.64
CA ALA A 246 26.49 -4.32 4.07
C ALA A 246 26.37 -3.88 2.61
N PHE A 247 27.03 -2.79 2.24
CA PHE A 247 27.01 -2.35 0.86
C PHE A 247 27.83 -3.27 -0.03
N GLU A 248 29.02 -3.64 0.42
CA GLU A 248 29.82 -4.61 -0.33
C GLU A 248 29.12 -5.96 -0.47
N LYS A 249 28.43 -6.41 0.58
CA LYS A 249 27.64 -7.64 0.49
C LYS A 249 26.45 -7.50 -0.44
N PHE A 250 25.83 -6.33 -0.49
CA PHE A 250 24.75 -6.10 -1.44
C PHE A 250 25.27 -6.14 -2.88
N ILE A 251 26.36 -5.41 -3.15
CA ILE A 251 26.96 -5.42 -4.49
C ILE A 251 27.34 -6.84 -4.90
N GLY A 252 27.93 -7.61 -3.99
CA GLY A 252 28.38 -8.94 -4.34
C GLY A 252 27.29 -9.97 -4.57
N ASN A 253 26.04 -9.63 -4.29
CA ASN A 253 24.95 -10.57 -4.44
C ASN A 253 24.55 -10.71 -5.91
N TYR A 254 24.49 -11.95 -6.40
CA TYR A 254 24.08 -12.20 -7.78
C TYR A 254 22.62 -11.81 -8.03
N ARG A 255 21.80 -11.70 -6.98
CA ARG A 255 20.37 -11.49 -7.14
C ARG A 255 20.03 -10.10 -7.68
N LEU A 256 21.00 -9.20 -7.78
CA LEU A 256 20.78 -7.93 -8.47
C LEU A 256 20.32 -8.12 -9.91
N ALA A 257 20.65 -9.26 -10.52
CA ALA A 257 20.15 -9.60 -11.84
C ALA A 257 18.62 -9.61 -11.92
N TYR A 258 17.92 -9.71 -10.79
CA TYR A 258 16.47 -9.61 -10.80
C TYR A 258 15.97 -8.21 -11.15
N PHE A 259 16.82 -7.19 -11.03
CA PHE A 259 16.41 -5.80 -11.21
C PHE A 259 17.26 -5.13 -12.27
N ALA A 260 17.55 -5.88 -13.33
CA ALA A 260 18.59 -5.49 -14.27
C ALA A 260 18.31 -4.13 -14.91
N ASP A 261 17.04 -3.78 -15.06
CA ASP A 261 16.70 -2.50 -15.67
C ASP A 261 17.13 -1.34 -14.78
N ALA A 262 17.31 -1.60 -13.48
CA ALA A 262 17.83 -0.60 -12.56
C ALA A 262 19.34 -0.72 -12.40
N PHE A 263 19.83 -1.91 -12.06
CA PHE A 263 21.22 -2.09 -11.64
C PHE A 263 22.19 -2.35 -12.78
N TYR A 264 21.73 -2.48 -14.02
CA TYR A 264 22.61 -2.82 -15.13
C TYR A 264 22.46 -1.81 -16.26
N VAL A 265 23.55 -1.64 -17.01
CA VAL A 265 23.59 -0.75 -18.17
C VAL A 265 24.08 -1.56 -19.36
N ASN A 266 23.58 -1.23 -20.55
CA ASN A 266 24.02 -1.86 -21.78
C ASN A 266 25.05 -0.98 -22.48
N LYS A 267 26.04 -1.62 -23.10
CA LYS A 267 27.19 -0.92 -23.65
C LYS A 267 27.69 -1.61 -24.91
N LYS A 273 29.56 -7.45 -30.06
CA LYS A 273 28.14 -7.25 -29.79
C LYS A 273 27.95 -6.49 -28.47
N ALA A 274 26.75 -5.93 -28.30
CA ALA A 274 26.42 -5.24 -27.05
C ALA A 274 26.42 -6.21 -25.87
N LYS A 275 26.64 -5.65 -24.68
CA LYS A 275 26.58 -6.43 -23.45
C LYS A 275 26.02 -5.57 -22.33
N ASN A 276 25.39 -6.24 -21.37
CA ASN A 276 24.88 -5.59 -20.16
C ASN A 276 25.78 -5.91 -18.98
N VAL A 277 26.16 -4.88 -18.23
CA VAL A 277 27.18 -4.99 -17.20
C VAL A 277 26.70 -4.21 -15.98
N LEU A 278 27.16 -4.61 -14.80
CA LEU A 278 26.74 -3.98 -13.56
C LEU A 278 27.12 -2.51 -13.53
N ARG A 279 26.17 -1.67 -13.14
CA ARG A 279 26.39 -0.22 -13.10
C ARG A 279 27.50 0.14 -12.12
N GLU A 280 28.10 1.30 -12.39
CA GLU A 280 29.12 1.84 -11.50
C GLU A 280 28.60 2.08 -10.08
N ASP A 281 29.46 1.82 -9.10
CA ASP A 281 29.01 1.75 -7.71
C ASP A 281 28.36 3.06 -7.29
N LYS A 282 28.89 4.19 -7.77
CA LYS A 282 28.27 5.48 -7.50
C LYS A 282 26.80 5.49 -7.90
N GLU A 283 26.49 4.84 -9.02
CA GLU A 283 25.11 4.81 -9.48
C GLU A 283 24.28 3.87 -8.61
N LEU A 284 24.84 2.70 -8.29
CA LEU A 284 24.06 1.75 -7.50
C LEU A 284 23.78 2.30 -6.11
N TYR A 285 24.75 3.00 -5.52
CA TYR A 285 24.53 3.73 -4.28
C TYR A 285 23.46 4.81 -4.43
N SER A 286 23.50 5.57 -5.52
CA SER A 286 22.48 6.60 -5.68
C SER A 286 21.07 6.02 -5.82
N VAL A 287 20.96 4.82 -6.41
CA VAL A 287 19.67 4.13 -6.44
C VAL A 287 19.22 3.71 -5.05
N LEU A 288 20.09 3.05 -4.29
CA LEU A 288 19.70 2.64 -2.94
C LEU A 288 19.33 3.85 -2.09
N THR A 289 20.15 4.90 -2.11
CA THR A 289 19.85 6.09 -1.33
C THR A 289 18.50 6.70 -1.71
N LEU A 290 18.18 6.75 -3.01
CA LEU A 290 16.89 7.32 -3.41
C LEU A 290 15.72 6.48 -2.93
N ILE A 291 15.76 5.17 -3.16
CA ILE A 291 14.64 4.32 -2.74
C ILE A 291 14.52 4.26 -1.22
N GLY A 292 15.65 4.25 -0.51
CA GLY A 292 15.61 4.27 0.95
C GLY A 292 15.07 5.58 1.51
N LYS A 293 15.53 6.71 0.98
CA LYS A 293 15.02 7.99 1.44
C LYS A 293 13.53 8.14 1.14
N LEU A 294 13.09 7.72 -0.04
CA LEU A 294 11.66 7.71 -0.33
C LEU A 294 10.87 6.85 0.65
N ARG A 295 11.37 5.66 0.96
CA ARG A 295 10.68 4.80 1.93
C ARG A 295 10.62 5.44 3.32
N HIS A 296 11.75 5.94 3.81
CA HIS A 296 11.79 6.60 5.11
C HIS A 296 10.83 7.79 5.16
N TRP A 297 10.87 8.64 4.12
CA TRP A 297 10.02 9.82 4.07
C TRP A 297 8.54 9.48 3.97
N CYS A 298 8.19 8.36 3.34
CA CYS A 298 6.79 7.97 3.30
C CYS A 298 6.31 7.42 4.64
N VAL A 299 7.04 6.49 5.24
CA VAL A 299 6.51 5.81 6.41
C VAL A 299 6.67 6.62 7.70
N HIS A 300 7.62 7.55 7.75
CA HIS A 300 7.80 8.40 8.91
C HIS A 300 7.52 9.85 8.57
N SER A 301 7.03 10.59 9.56
CA SER A 301 6.99 12.04 9.48
C SER A 301 8.39 12.60 9.63
N GLU A 302 8.73 13.60 8.81
CA GLU A 302 10.05 14.20 8.77
C GLU A 302 9.93 15.65 9.20
N GLU A 303 10.64 16.02 10.26
CA GLU A 303 10.59 17.39 10.78
C GLU A 303 11.64 18.24 10.08
N GLY A 304 11.32 19.53 9.97
CA GLY A 304 12.16 20.46 9.25
C GLY A 304 12.01 20.33 7.74
N ARG A 305 13.06 20.79 7.05
CA ARG A 305 13.06 20.81 5.59
C ARG A 305 12.97 19.41 4.97
N ALA A 306 13.29 18.37 5.74
CA ALA A 306 13.13 17.01 5.24
C ALA A 306 11.70 16.64 4.88
N GLU A 307 10.70 17.36 5.38
CA GLU A 307 9.32 17.06 5.00
C GLU A 307 9.07 17.34 3.52
N PHE A 308 9.61 18.43 2.98
CA PHE A 308 9.29 18.84 1.62
C PHE A 308 10.08 18.07 0.55
N TRP A 309 10.88 17.08 0.94
CA TRP A 309 11.86 16.49 0.03
C TRP A 309 11.21 16.04 -1.28
N LEU A 310 10.16 15.23 -1.20
CA LEU A 310 9.53 14.73 -2.41
C LEU A 310 8.93 15.86 -3.24
N TYR A 311 8.71 17.02 -2.63
CA TYR A 311 8.19 18.17 -3.34
C TYR A 311 9.28 19.18 -3.67
N LYS A 312 10.52 18.88 -3.27
CA LYS A 312 11.69 19.70 -3.56
C LYS A 312 12.83 18.82 -4.07
N LEU A 313 12.47 17.80 -4.86
CA LEU A 313 13.45 16.94 -5.51
C LEU A 313 14.37 17.70 -6.46
N ASP A 314 14.02 18.92 -6.84
CA ASP A 314 14.95 19.74 -7.62
C ASP A 314 16.25 19.99 -6.86
N GLU A 315 16.18 20.02 -5.53
CA GLU A 315 17.35 20.26 -4.70
C GLU A 315 18.23 19.03 -4.53
N LEU A 316 17.91 17.93 -5.19
CA LEU A 316 18.78 16.74 -5.14
C LEU A 316 20.18 17.07 -5.64
N LYS A 317 21.15 16.39 -5.03
CA LYS A 317 22.53 16.40 -5.50
C LYS A 317 22.69 15.75 -6.88
N ASP A 318 23.70 16.23 -7.59
CA ASP A 318 23.83 15.93 -9.01
C ASP A 318 23.94 14.43 -9.26
N ASP A 319 24.58 13.70 -8.34
CA ASP A 319 24.69 12.26 -8.51
C ASP A 319 23.31 11.61 -8.62
N PHE A 320 22.36 12.08 -7.81
CA PHE A 320 21.03 11.49 -7.81
C PHE A 320 20.22 11.99 -9.00
N LYS A 321 20.42 13.24 -9.39
CA LYS A 321 19.83 13.71 -10.64
C LYS A 321 20.31 12.90 -11.84
N ASN A 322 21.61 12.59 -11.88
CA ASN A 322 22.16 11.87 -13.03
C ASN A 322 21.79 10.40 -13.01
N VAL A 323 21.69 9.78 -11.83
CA VAL A 323 21.21 8.40 -11.80
C VAL A 323 19.74 8.35 -12.24
N LEU A 324 18.92 9.30 -11.81
CA LEU A 324 17.52 9.30 -12.24
C LEU A 324 17.40 9.53 -13.74
N ASP A 325 18.20 10.47 -14.27
CA ASP A 325 18.27 10.70 -15.71
C ASP A 325 18.60 9.42 -16.45
N VAL A 326 19.72 8.79 -16.11
CA VAL A 326 20.21 7.71 -16.96
C VAL A 326 19.42 6.42 -16.76
N VAL A 327 18.77 6.23 -15.61
CA VAL A 327 17.83 5.13 -15.47
C VAL A 327 16.56 5.36 -16.28
N TYR A 328 16.06 6.60 -16.32
CA TYR A 328 14.82 6.85 -17.05
C TYR A 328 15.03 6.89 -18.56
N ASN A 329 16.09 7.55 -19.03
CA ASN A 329 16.20 7.92 -20.43
C ASN A 329 16.45 6.75 -21.36
N ARG A 330 16.88 5.60 -20.84
CA ARG A 330 17.28 4.50 -21.72
C ARG A 330 16.13 3.96 -22.57
N PRO A 331 15.02 3.48 -22.00
CA PRO A 331 13.90 3.08 -22.87
C PRO A 331 13.27 4.22 -23.64
N VAL A 332 13.41 5.46 -23.15
CA VAL A 332 12.93 6.62 -23.91
C VAL A 332 13.72 6.79 -25.20
N GLU A 333 15.04 6.65 -25.15
CA GLU A 333 15.85 6.72 -26.36
C GLU A 333 15.60 5.53 -27.27
N GLU A 334 15.24 4.37 -26.70
CA GLU A 334 14.83 3.24 -27.51
C GLU A 334 13.55 3.52 -28.29
N ILE A 335 12.62 4.28 -27.70
CA ILE A 335 11.33 4.50 -28.35
C ILE A 335 11.40 5.65 -29.35
N ASN A 336 12.12 6.72 -29.00
CA ASN A 336 12.22 7.87 -29.90
C ASN A 336 12.94 7.50 -31.20
N ILE A 494 8.53 10.79 -27.12
CA ILE A 494 8.25 10.77 -25.68
C ILE A 494 9.36 11.51 -24.93
N SER A 495 9.00 12.05 -23.77
CA SER A 495 9.83 13.07 -23.10
C SER A 495 11.13 12.46 -22.61
N TYR A 496 12.26 12.96 -23.14
CA TYR A 496 13.57 12.63 -22.61
C TYR A 496 13.72 13.11 -21.16
N ALA A 497 14.73 12.54 -20.50
CA ALA A 497 15.01 12.86 -19.10
C ALA A 497 15.30 14.33 -18.86
N ASP A 498 15.60 15.10 -19.91
CA ASP A 498 15.99 16.49 -19.73
C ASP A 498 14.81 17.34 -19.24
N SER A 499 13.64 17.17 -19.86
CA SER A 499 12.49 18.02 -19.55
C SER A 499 11.52 17.39 -18.55
N VAL A 500 11.44 16.06 -18.50
CA VAL A 500 10.53 15.41 -17.56
C VAL A 500 10.88 15.79 -16.12
N SER A 501 9.85 15.85 -15.28
CA SER A 501 10.04 16.19 -13.87
C SER A 501 10.84 15.12 -13.12
N GLU A 502 11.68 15.57 -12.20
CA GLU A 502 12.39 14.65 -11.30
C GLU A 502 11.41 13.78 -10.53
N PHE A 503 10.21 14.29 -10.25
CA PHE A 503 9.20 13.46 -9.58
C PHE A 503 8.82 12.27 -10.45
N THR A 504 8.52 12.53 -11.72
CA THR A 504 8.18 11.45 -12.64
C THR A 504 9.32 10.45 -12.75
N LYS A 505 10.56 10.95 -12.88
CA LYS A 505 11.71 10.06 -12.96
C LYS A 505 11.84 9.18 -11.73
N LEU A 506 11.67 9.76 -10.54
CA LEU A 506 11.73 8.99 -9.30
C LEU A 506 10.62 7.95 -9.23
N ILE A 507 9.43 8.28 -9.74
CA ILE A 507 8.36 7.29 -9.80
C ILE A 507 8.73 6.15 -10.74
N TYR A 508 9.33 6.47 -11.88
CA TYR A 508 9.82 5.42 -12.78
C TYR A 508 10.83 4.52 -12.07
N LEU A 509 11.74 5.12 -11.33
CA LEU A 509 12.72 4.32 -10.59
C LEU A 509 12.03 3.41 -9.58
N LEU A 510 11.05 3.95 -8.85
CA LEU A 510 10.30 3.14 -7.90
C LEU A 510 9.64 1.94 -8.58
N THR A 511 9.06 2.15 -9.76
CA THR A 511 8.35 1.07 -10.44
C THR A 511 9.25 -0.11 -10.81
N ARG A 512 10.56 0.09 -10.96
CA ARG A 512 11.43 -1.00 -11.40
C ARG A 512 11.43 -2.19 -10.43
N PHE A 513 11.17 -1.95 -9.15
CA PHE A 513 11.24 -3.01 -8.17
C PHE A 513 9.93 -3.77 -8.00
N LEU A 514 8.86 -3.35 -8.66
CA LEU A 514 7.52 -3.84 -8.40
C LEU A 514 7.07 -4.80 -9.50
N SER A 515 6.05 -5.59 -9.19
CA SER A 515 5.37 -6.39 -10.20
C SER A 515 4.55 -5.48 -11.12
N GLY A 516 4.32 -5.95 -12.35
CA GLY A 516 3.56 -5.18 -13.33
C GLY A 516 2.18 -4.77 -12.86
N LYS A 517 1.51 -5.61 -12.07
CA LYS A 517 0.22 -5.22 -11.51
C LYS A 517 0.37 -4.08 -10.52
N GLU A 518 1.39 -4.14 -9.65
CA GLU A 518 1.66 -3.03 -8.75
C GLU A 518 2.00 -1.76 -9.53
N ILE A 519 2.74 -1.90 -10.63
CA ILE A 519 3.09 -0.74 -11.46
C ILE A 519 1.83 -0.10 -12.01
N ASN A 520 0.92 -0.91 -12.56
CA ASN A 520 -0.33 -0.36 -13.06
C ASN A 520 -1.15 0.28 -11.94
N ASP A 521 -1.27 -0.41 -10.81
CA ASP A 521 -1.99 0.14 -9.66
C ASP A 521 -1.39 1.46 -9.19
N LEU A 522 -0.07 1.50 -9.00
CA LEU A 522 0.61 2.73 -8.59
C LEU A 522 0.37 3.86 -9.58
N VAL A 523 0.79 3.67 -10.83
CA VAL A 523 0.85 4.78 -11.77
C VAL A 523 -0.53 5.31 -12.16
N THR A 524 -1.55 4.46 -12.25
CA THR A 524 -2.91 4.96 -12.50
C THR A 524 -3.47 5.73 -11.32
N THR A 525 -3.15 5.31 -10.10
CA THR A 525 -3.61 6.05 -8.92
C THR A 525 -3.06 7.46 -8.93
N LEU A 526 -1.80 7.64 -9.34
CA LEU A 526 -1.27 8.99 -9.46
C LEU A 526 -2.02 9.78 -10.53
N ILE A 527 -2.32 9.16 -11.67
CA ILE A 527 -3.00 9.91 -12.73
C ILE A 527 -4.34 10.41 -12.23
N ASN A 528 -5.01 9.60 -11.42
CA ASN A 528 -6.31 10.01 -10.91
C ASN A 528 -6.08 11.16 -9.96
N LYS A 529 -5.41 10.89 -8.84
CA LYS A 529 -5.18 11.90 -7.82
C LYS A 529 -4.78 13.25 -8.42
N PHE A 530 -3.81 13.24 -9.35
CA PHE A 530 -3.36 14.48 -9.96
C PHE A 530 -4.40 15.11 -10.87
N ASP A 531 -5.27 14.30 -11.48
CA ASP A 531 -6.32 14.88 -12.31
C ASP A 531 -7.39 15.55 -11.47
N ASN A 532 -7.77 14.91 -10.36
CA ASN A 532 -8.62 15.56 -9.36
C ASN A 532 -8.01 16.87 -8.89
N ILE A 533 -6.73 16.84 -8.52
CA ILE A 533 -6.03 18.03 -8.07
C ILE A 533 -6.13 19.15 -9.10
N ARG A 534 -5.83 18.84 -10.36
CA ARG A 534 -5.94 19.87 -11.40
C ARG A 534 -7.37 20.36 -11.55
N SER A 535 -8.35 19.47 -11.48
CA SER A 535 -9.74 19.89 -11.67
C SER A 535 -10.16 20.89 -10.60
N PHE A 536 -9.73 20.67 -9.36
CA PHE A 536 -9.99 21.67 -8.33
C PHE A 536 -9.21 22.95 -8.59
N LEU A 537 -7.94 22.84 -8.96
CA LEU A 537 -7.16 24.04 -9.25
C LEU A 537 -7.83 24.90 -10.32
N GLU A 538 -8.38 24.26 -11.36
CA GLU A 538 -8.99 25.01 -12.45
C GLU A 538 -10.33 25.63 -12.04
N ILE A 539 -11.21 24.86 -11.39
CA ILE A 539 -12.53 25.42 -11.08
C ILE A 539 -12.44 26.50 -10.01
N MET A 540 -11.41 26.46 -9.17
CA MET A 540 -11.19 27.52 -8.19
C MET A 540 -10.94 28.87 -8.85
N ASP A 541 -10.32 28.88 -10.03
CA ASP A 541 -10.05 30.14 -10.70
C ASP A 541 -11.34 30.80 -11.22
N GLU A 542 -12.31 30.00 -11.65
CA GLU A 542 -13.59 30.55 -12.08
C GLU A 542 -14.32 31.26 -10.95
N LEU A 543 -14.23 30.73 -9.73
CA LEU A 543 -14.85 31.39 -8.58
C LEU A 543 -14.08 32.61 -8.10
N GLY A 544 -12.81 32.75 -8.48
CA GLY A 544 -11.98 33.77 -7.90
C GLY A 544 -11.43 33.47 -6.52
N LEU A 545 -11.48 32.21 -6.09
CA LEU A 545 -10.86 31.83 -4.83
C LEU A 545 -9.34 31.86 -4.97
N ASP A 546 -8.67 31.95 -3.82
CA ASP A 546 -7.21 31.92 -3.82
C ASP A 546 -6.70 30.51 -4.07
N ARG A 547 -5.98 30.35 -5.17
CA ARG A 547 -5.38 29.08 -5.57
C ARG A 547 -3.97 28.89 -5.02
N THR A 548 -3.21 29.96 -4.86
CA THR A 548 -1.76 29.87 -4.68
C THR A 548 -1.39 29.12 -3.40
N PHE A 549 -0.62 28.04 -3.56
CA PHE A 549 -0.08 27.30 -2.45
C PHE A 549 0.96 28.14 -1.71
N THR A 550 1.28 27.71 -0.48
CA THR A 550 2.46 28.20 0.20
C THR A 550 3.70 27.89 -0.60
N ALA A 551 4.74 28.72 -0.40
CA ALA A 551 5.93 28.68 -1.25
C ALA A 551 6.57 27.29 -1.31
N GLU A 552 6.51 26.54 -0.22
CA GLU A 552 7.18 25.24 -0.18
C GLU A 552 6.41 24.17 -0.94
N TYR A 553 5.09 24.15 -0.84
CA TYR A 553 4.26 23.21 -1.58
C TYR A 553 3.97 23.63 -3.02
N SER A 554 4.64 24.66 -3.54
CA SER A 554 4.38 25.15 -4.90
C SER A 554 4.61 24.09 -5.97
N PHE A 555 5.16 22.93 -5.60
CA PHE A 555 5.18 21.75 -6.44
C PHE A 555 3.86 21.47 -7.15
N PHE A 556 2.76 21.50 -6.42
CA PHE A 556 1.46 21.18 -6.99
C PHE A 556 0.94 22.20 -8.01
N GLU A 557 1.49 23.41 -8.04
CA GLU A 557 1.03 24.39 -9.02
C GLU A 557 1.38 24.00 -10.45
N GLY A 558 2.27 23.04 -10.64
CA GLY A 558 2.57 22.46 -11.93
C GLY A 558 1.83 21.17 -12.24
N SER A 559 0.80 20.83 -11.46
CA SER A 559 0.21 19.50 -11.56
C SER A 559 -0.34 19.21 -12.95
N THR A 560 -0.62 20.23 -13.76
CA THR A 560 -0.93 19.99 -15.17
C THR A 560 0.24 19.31 -15.87
N LYS A 561 1.44 19.86 -15.67
CA LYS A 561 2.63 19.27 -16.29
C LYS A 561 2.92 17.90 -15.71
N TYR A 562 2.84 17.77 -14.39
CA TYR A 562 3.13 16.47 -13.81
C TYR A 562 2.08 15.42 -14.17
N LEU A 563 0.86 15.83 -14.50
CA LEU A 563 -0.12 14.90 -15.05
C LEU A 563 0.28 14.47 -16.45
N ALA A 564 0.69 15.44 -17.29
CA ALA A 564 1.13 15.11 -18.64
C ALA A 564 2.28 14.11 -18.59
N GLU A 565 3.25 14.34 -17.71
CA GLU A 565 4.37 13.42 -17.59
C GLU A 565 3.97 12.08 -16.98
N LEU A 566 2.97 12.06 -16.10
CA LEU A 566 2.51 10.78 -15.55
C LEU A 566 1.80 9.94 -16.61
N VAL A 567 1.01 10.56 -17.49
CA VAL A 567 0.41 9.79 -18.57
C VAL A 567 1.46 9.38 -19.60
N GLU A 568 2.46 10.23 -19.85
CA GLU A 568 3.54 9.81 -20.75
C GLU A 568 4.32 8.63 -20.17
N LEU A 569 4.56 8.63 -18.86
CA LEU A 569 5.11 7.46 -18.19
C LEU A 569 4.24 6.22 -18.38
N ASN A 570 2.94 6.36 -18.13
CA ASN A 570 2.05 5.20 -18.29
C ASN A 570 1.94 4.72 -19.73
N SER A 571 2.29 5.57 -20.69
CA SER A 571 2.29 5.17 -22.09
C SER A 571 3.30 4.06 -22.38
N PHE A 572 4.42 4.02 -21.67
CA PHE A 572 5.49 3.08 -21.99
C PHE A 572 6.02 2.26 -20.82
N VAL A 573 5.66 2.58 -19.57
CA VAL A 573 6.20 1.85 -18.43
C VAL A 573 5.87 0.36 -18.57
N LYS A 574 6.90 -0.48 -18.45
CA LYS A 574 6.76 -1.92 -18.49
C LYS A 574 7.59 -2.54 -17.37
N SER A 575 7.21 -3.75 -16.98
CA SER A 575 7.90 -4.46 -15.90
C SER A 575 9.38 -4.62 -16.22
N CYS A 576 10.19 -4.68 -15.15
CA CYS A 576 11.62 -4.88 -15.28
C CYS A 576 11.93 -6.27 -15.83
N SER A 577 12.62 -6.33 -16.96
CA SER A 577 13.15 -7.58 -17.48
C SER A 577 14.28 -8.12 -16.60
N PHE A 578 14.50 -9.43 -16.67
CA PHE A 578 15.69 -10.04 -16.11
C PHE A 578 16.91 -9.83 -17.00
N ASP A 579 18.08 -9.93 -16.37
CA ASP A 579 19.35 -10.00 -17.10
C ASP A 579 19.33 -11.22 -18.01
N ILE A 580 19.41 -10.97 -19.31
CA ILE A 580 19.30 -12.03 -20.32
C ILE A 580 20.35 -13.12 -20.12
N ASN A 581 21.54 -12.74 -19.66
CA ASN A 581 22.63 -13.70 -19.49
C ASN A 581 22.63 -14.40 -18.13
N ALA A 582 21.86 -13.92 -17.15
CA ALA A 582 21.89 -14.49 -15.81
C ALA A 582 21.08 -15.77 -15.67
N LYS A 583 20.47 -16.26 -16.75
CA LYS A 583 19.67 -17.48 -16.69
C LYS A 583 20.42 -18.61 -15.97
N ARG A 584 21.73 -18.71 -16.19
CA ARG A 584 22.51 -19.70 -15.46
C ARG A 584 22.63 -19.38 -13.99
N THR A 585 22.31 -18.16 -13.58
CA THR A 585 22.35 -17.84 -12.16
C THR A 585 21.02 -18.18 -11.53
N MET A 586 19.92 -17.78 -12.19
CA MET A 586 18.59 -18.12 -11.68
C MET A 586 18.32 -19.62 -11.69
N TYR A 587 19.09 -20.38 -12.48
CA TYR A 587 18.89 -21.83 -12.58
C TYR A 587 18.77 -22.54 -11.23
N ARG A 588 19.68 -22.23 -10.30
CA ARG A 588 19.63 -22.88 -9.00
C ARG A 588 18.42 -22.46 -8.18
N ASP A 589 17.97 -21.22 -8.35
CA ASP A 589 16.71 -20.80 -7.73
C ASP A 589 15.55 -21.61 -8.30
N ALA A 590 15.53 -21.77 -9.62
CA ALA A 590 14.45 -22.48 -10.27
C ALA A 590 14.33 -23.91 -9.76
N LEU A 591 15.45 -24.63 -9.70
CA LEU A 591 15.41 -25.98 -9.12
C LEU A 591 15.15 -25.99 -7.62
N ASP A 592 15.58 -24.95 -6.91
CA ASP A 592 15.34 -24.90 -5.47
C ASP A 592 13.87 -24.71 -5.13
N ILE A 593 13.17 -23.87 -5.90
CA ILE A 593 11.74 -23.69 -5.69
C ILE A 593 11.01 -25.02 -5.73
N LEU A 594 11.46 -25.95 -6.57
CA LEU A 594 10.79 -27.23 -6.72
C LEU A 594 11.40 -28.33 -5.87
N GLY A 595 12.51 -28.05 -5.19
CA GLY A 595 13.09 -29.06 -4.33
C GLY A 595 13.87 -30.12 -5.05
N ILE A 596 14.40 -29.82 -6.22
CA ILE A 596 15.14 -30.76 -7.04
C ILE A 596 16.61 -30.80 -6.60
N GLU A 597 17.02 -31.86 -5.90
CA GLU A 597 18.44 -32.05 -5.63
C GLU A 597 18.81 -33.51 -5.90
N SER A 598 19.95 -33.71 -6.55
CA SER A 598 20.44 -35.05 -6.84
C SER A 598 21.92 -35.02 -7.22
N ASN A 626 18.34 -37.23 -16.94
CA ASN A 626 19.54 -36.53 -17.38
C ASN A 626 19.42 -35.02 -17.14
N ASN A 627 20.57 -34.35 -17.09
CA ASN A 627 20.59 -32.90 -16.90
C ASN A 627 19.93 -32.14 -18.05
N GLY A 628 19.69 -32.79 -19.19
CA GLY A 628 18.83 -32.18 -20.20
C GLY A 628 17.44 -31.90 -19.68
N LEU A 629 16.85 -32.88 -18.99
CA LEU A 629 15.56 -32.67 -18.35
C LEU A 629 15.65 -31.55 -17.32
N ARG A 630 16.77 -31.49 -16.60
CA ARG A 630 16.95 -30.46 -15.58
C ARG A 630 16.96 -29.07 -16.21
N ASN A 631 17.59 -28.95 -17.39
CA ASN A 631 17.52 -27.71 -18.15
C ASN A 631 16.13 -27.43 -18.71
N PHE A 632 15.39 -28.47 -19.07
CA PHE A 632 14.01 -28.27 -19.50
C PHE A 632 13.15 -27.71 -18.37
N ILE A 633 13.38 -28.19 -17.15
CA ILE A 633 12.73 -27.61 -15.98
C ILE A 633 13.12 -26.15 -15.81
N ALA A 634 14.42 -25.89 -15.78
CA ALA A 634 14.89 -24.53 -15.50
C ALA A 634 14.36 -23.52 -16.52
N SER A 635 14.54 -23.80 -17.82
CA SER A 635 14.19 -22.81 -18.83
C SER A 635 12.74 -22.35 -18.70
N ASN A 636 11.81 -23.30 -18.56
CA ASN A 636 10.41 -22.93 -18.50
C ASN A 636 10.04 -22.35 -17.14
N VAL A 637 10.72 -22.74 -16.06
CA VAL A 637 10.43 -22.09 -14.80
C VAL A 637 10.82 -20.62 -14.88
N ILE A 638 12.06 -20.35 -15.30
CA ILE A 638 12.62 -19.01 -15.24
C ILE A 638 11.89 -18.06 -16.17
N ASP A 639 11.45 -18.55 -17.34
CA ASP A 639 10.77 -17.61 -18.24
C ASP A 639 9.37 -17.22 -17.75
N SER A 640 8.78 -17.97 -16.82
CA SER A 640 7.46 -17.66 -16.31
C SER A 640 7.48 -16.35 -15.52
N ASN A 641 6.29 -15.72 -15.42
CA ASN A 641 6.13 -14.53 -14.60
C ASN A 641 5.95 -14.88 -13.12
N ARG A 642 5.35 -16.05 -12.85
CA ARG A 642 5.19 -16.46 -11.46
C ARG A 642 6.55 -16.60 -10.79
N PHE A 643 7.54 -17.11 -11.52
CA PHE A 643 8.87 -17.24 -10.94
C PHE A 643 9.49 -15.88 -10.67
N LYS A 644 9.23 -14.91 -11.57
CA LYS A 644 9.66 -13.55 -11.34
C LYS A 644 9.15 -13.05 -9.99
N TYR A 645 7.85 -13.22 -9.76
CA TYR A 645 7.25 -12.72 -8.52
C TYR A 645 7.77 -13.49 -7.30
N LEU A 646 7.75 -14.82 -7.35
CA LEU A 646 8.20 -15.63 -6.22
C LEU A 646 9.66 -15.37 -5.86
N VAL A 647 10.53 -15.22 -6.85
CA VAL A 647 11.95 -15.04 -6.53
C VAL A 647 12.28 -13.62 -6.12
N ARG A 648 11.49 -12.63 -6.53
CA ARG A 648 11.69 -11.27 -6.02
C ARG A 648 11.19 -11.13 -4.58
N TYR A 649 9.94 -11.51 -4.32
CA TYR A 649 9.29 -11.26 -3.04
C TYR A 649 9.35 -12.45 -2.08
N GLY A 650 9.90 -13.59 -2.50
CA GLY A 650 10.11 -14.72 -1.63
C GLY A 650 11.50 -15.29 -1.79
N ASN A 651 11.79 -16.29 -0.96
CA ASN A 651 13.02 -17.04 -1.10
C ASN A 651 12.69 -18.41 -1.68
N PRO A 652 13.36 -18.82 -2.76
CA PRO A 652 13.09 -20.12 -3.39
C PRO A 652 12.92 -21.30 -2.45
N LYS A 653 13.89 -21.54 -1.58
CA LYS A 653 13.81 -22.67 -0.66
C LYS A 653 12.66 -22.51 0.34
N LYS A 654 12.38 -21.27 0.74
CA LYS A 654 11.28 -21.00 1.66
C LYS A 654 9.91 -21.28 1.01
N ILE A 655 9.76 -20.94 -0.27
CA ILE A 655 8.54 -21.27 -1.00
C ILE A 655 8.29 -22.77 -1.03
N ARG A 656 9.34 -23.56 -1.26
CA ARG A 656 9.16 -25.02 -1.32
C ARG A 656 8.61 -25.58 -0.02
N GLU A 657 9.13 -25.14 1.13
CA GLU A 657 8.60 -25.66 2.40
C GLU A 657 7.20 -25.13 2.68
N THR A 658 6.85 -23.96 2.16
CA THR A 658 5.49 -23.44 2.31
C THR A 658 4.47 -24.31 1.59
N ALA A 659 4.81 -24.81 0.39
CA ALA A 659 3.90 -25.67 -0.35
C ALA A 659 3.57 -26.96 0.38
N LYS A 660 4.35 -27.34 1.37
CA LYS A 660 4.10 -28.54 2.14
C LYS A 660 2.97 -28.36 3.16
N CYS A 661 2.54 -27.13 3.41
CA CYS A 661 1.36 -26.90 4.27
C CYS A 661 0.09 -27.31 3.54
N LYS A 662 -0.38 -28.52 3.86
CA LYS A 662 -1.57 -29.07 3.21
C LYS A 662 -2.78 -28.17 3.35
N PRO A 663 -3.20 -27.73 4.54
CA PRO A 663 -4.35 -26.81 4.61
C PRO A 663 -4.20 -25.55 3.79
N ALA A 664 -3.00 -25.00 3.67
CA ALA A 664 -2.82 -23.78 2.88
C ALA A 664 -2.98 -24.03 1.38
N VAL A 665 -2.44 -25.13 0.89
CA VAL A 665 -2.66 -25.40 -0.54
C VAL A 665 -4.09 -25.88 -0.81
N ARG A 666 -4.64 -26.71 0.07
CA ARG A 666 -6.04 -27.13 -0.08
C ARG A 666 -6.98 -25.94 -0.01
N PHE A 667 -6.59 -24.87 0.70
CA PHE A 667 -7.38 -23.65 0.69
C PHE A 667 -7.26 -22.91 -0.64
N VAL A 668 -6.02 -22.59 -1.05
CA VAL A 668 -5.88 -21.76 -2.24
C VAL A 668 -6.41 -22.45 -3.49
N LEU A 669 -6.44 -23.79 -3.50
CA LEU A 669 -7.11 -24.51 -4.58
C LEU A 669 -8.62 -24.27 -4.63
N ASN A 670 -9.23 -23.76 -3.56
CA ASN A 670 -10.63 -23.36 -3.64
C ASN A 670 -10.85 -22.10 -4.45
N GLU A 671 -9.85 -21.24 -4.59
CA GLU A 671 -10.02 -20.02 -5.38
C GLU A 671 -10.00 -20.28 -6.87
N ILE A 672 -9.36 -21.35 -7.31
CA ILE A 672 -9.47 -21.78 -8.72
C ILE A 672 -10.87 -22.35 -8.97
N PRO A 673 -11.59 -21.85 -9.97
CA PRO A 673 -12.90 -22.42 -10.31
C PRO A 673 -12.84 -23.91 -10.60
N ASP A 674 -13.98 -24.58 -10.39
CA ASP A 674 -14.08 -26.02 -10.56
C ASP A 674 -13.67 -26.47 -11.96
N ALA A 675 -14.20 -25.81 -12.98
CA ALA A 675 -13.87 -26.20 -14.35
C ALA A 675 -12.39 -25.98 -14.65
N GLN A 676 -11.80 -24.93 -14.09
CA GLN A 676 -10.38 -24.70 -14.33
C GLN A 676 -9.51 -25.71 -13.59
N ILE A 677 -9.96 -26.17 -12.42
CA ILE A 677 -9.27 -27.27 -11.76
C ILE A 677 -9.44 -28.57 -12.52
N GLU A 678 -10.54 -28.73 -13.25
CA GLU A 678 -10.63 -29.90 -14.12
C GLU A 678 -9.70 -29.78 -15.32
N ARG A 679 -9.53 -28.55 -15.82
CA ARG A 679 -8.59 -28.31 -16.91
C ARG A 679 -7.15 -28.53 -16.44
N TYR A 680 -6.90 -28.35 -15.15
CA TYR A 680 -5.56 -28.58 -14.61
C TYR A 680 -5.34 -30.06 -14.31
N TYR A 681 -6.37 -30.74 -13.82
CA TYR A 681 -6.25 -32.14 -13.45
C TYR A 681 -6.13 -33.01 -14.69
N GLU A 682 -6.85 -32.67 -15.76
CA GLU A 682 -6.80 -33.45 -16.99
C GLU A 682 -5.38 -33.57 -17.54
N ALA A 683 -4.56 -32.54 -17.34
CA ALA A 683 -3.18 -32.57 -17.80
C ALA A 683 -2.25 -33.40 -16.91
N CYS A 684 -2.66 -33.76 -15.70
CA CYS A 684 -1.75 -34.36 -14.73
C CYS A 684 -1.87 -35.87 -14.60
N CYS A 685 -3.08 -36.42 -14.69
CA CYS A 685 -3.23 -37.86 -14.51
C CYS A 685 -4.03 -38.55 -15.61
N PRO A 686 -3.81 -38.21 -16.90
CA PRO A 686 -4.69 -38.81 -17.91
C PRO A 686 -4.52 -40.33 -18.00
N CYS A 692 -14.20 -38.30 -9.23
CA CYS A 692 -14.00 -37.29 -10.25
C CYS A 692 -14.63 -35.95 -9.86
N SER A 693 -15.13 -35.88 -8.63
CA SER A 693 -15.71 -34.64 -8.13
C SER A 693 -14.63 -33.58 -7.93
N ALA A 694 -15.06 -32.32 -8.07
CA ALA A 694 -14.11 -31.20 -8.07
C ALA A 694 -13.29 -31.14 -6.79
N ASN A 695 -13.91 -31.43 -5.64
CA ASN A 695 -13.16 -31.42 -4.40
C ASN A 695 -12.25 -32.65 -4.23
N LYS A 696 -12.58 -33.77 -4.85
CA LYS A 696 -11.61 -34.87 -4.88
C LYS A 696 -10.43 -34.54 -5.78
N ARG A 697 -10.68 -33.83 -6.88
CA ARG A 697 -9.59 -33.27 -7.67
C ARG A 697 -8.71 -32.38 -6.80
N ARG A 698 -9.32 -31.41 -6.12
CA ARG A 698 -8.57 -30.51 -5.25
C ARG A 698 -7.74 -31.24 -4.21
N GLU A 699 -8.30 -32.29 -3.60
CA GLU A 699 -7.56 -33.07 -2.61
C GLU A 699 -6.35 -33.78 -3.21
N LYS A 700 -6.57 -34.57 -4.27
CA LYS A 700 -5.44 -35.30 -4.84
C LYS A 700 -4.41 -34.36 -5.46
N LEU A 701 -4.86 -33.25 -6.05
CA LEU A 701 -3.92 -32.28 -6.60
C LEU A 701 -3.14 -31.59 -5.49
N ALA A 702 -3.76 -31.36 -4.34
CA ALA A 702 -3.03 -30.80 -3.21
C ALA A 702 -1.95 -31.76 -2.73
N ASP A 703 -2.26 -33.05 -2.69
CA ASP A 703 -1.21 -34.03 -2.37
C ASP A 703 -0.10 -34.03 -3.41
N MET A 704 -0.45 -33.91 -4.69
CA MET A 704 0.54 -33.84 -5.77
C MET A 704 1.29 -32.52 -5.83
N ILE A 705 0.84 -31.50 -5.12
CA ILE A 705 1.61 -30.27 -4.91
C ILE A 705 2.52 -30.37 -3.69
N ALA A 706 2.00 -30.88 -2.58
CA ALA A 706 2.77 -30.92 -1.34
C ALA A 706 3.95 -31.88 -1.45
N GLU A 707 3.73 -33.06 -2.03
CA GLU A 707 4.74 -34.12 -2.04
C GLU A 707 5.44 -34.22 -3.39
N ILE A 708 5.53 -33.11 -4.12
CA ILE A 708 6.29 -33.09 -5.36
C ILE A 708 7.76 -33.35 -5.08
N LYS A 709 8.34 -34.29 -5.83
CA LYS A 709 9.72 -34.73 -5.59
C LYS A 709 10.61 -34.44 -6.78
N PHE A 710 10.31 -35.01 -7.95
CA PHE A 710 11.07 -34.80 -9.17
C PHE A 710 10.14 -35.16 -10.32
N GLU A 711 10.47 -34.68 -11.51
CA GLU A 711 9.70 -35.04 -12.69
C GLU A 711 9.94 -36.51 -13.04
N ASN A 712 8.85 -37.25 -13.21
CA ASN A 712 8.81 -38.71 -13.22
C ASN A 712 9.22 -39.31 -11.88
N PHE A 713 9.38 -38.48 -10.85
CA PHE A 713 9.38 -38.89 -9.45
C PHE A 713 10.36 -40.02 -9.15
N ARG A 727 3.17 -46.64 -25.66
CA ARG A 727 4.17 -45.60 -25.85
C ARG A 727 3.58 -44.24 -25.49
N THR A 728 4.29 -43.49 -24.64
CA THR A 728 3.92 -42.12 -24.32
C THR A 728 4.82 -41.16 -25.08
N SER A 729 4.20 -40.24 -25.82
CA SER A 729 4.96 -39.36 -26.70
C SER A 729 5.80 -38.36 -25.92
N GLU A 730 6.92 -37.97 -26.55
CA GLU A 730 7.85 -37.04 -25.93
C GLU A 730 7.17 -35.71 -25.63
N ALA A 731 6.43 -35.19 -26.63
CA ALA A 731 5.72 -33.93 -26.40
C ALA A 731 4.62 -34.09 -25.35
N GLU A 732 4.03 -35.27 -25.24
CA GLU A 732 3.00 -35.47 -24.22
C GLU A 732 3.57 -35.41 -22.81
N ILE A 733 4.71 -36.08 -22.58
CA ILE A 733 5.33 -35.99 -21.27
C ILE A 733 5.88 -34.58 -21.01
N LYS A 734 6.36 -33.90 -22.05
CA LYS A 734 6.72 -32.49 -21.90
C LYS A 734 5.52 -31.64 -21.47
N ARG A 735 4.35 -31.91 -22.05
CA ARG A 735 3.14 -31.16 -21.72
C ARG A 735 2.73 -31.41 -20.27
N LYS A 736 2.75 -32.66 -19.84
CA LYS A 736 2.47 -32.99 -18.44
C LYS A 736 3.40 -32.25 -17.48
N ASN A 737 4.70 -32.29 -17.76
CA ASN A 737 5.66 -31.63 -16.86
C ASN A 737 5.45 -30.13 -16.83
N GLN A 738 5.34 -29.49 -18.00
CA GLN A 738 5.08 -28.06 -18.05
C GLN A 738 3.79 -27.69 -17.32
N ALA A 739 2.77 -28.54 -17.41
CA ALA A 739 1.51 -28.27 -16.72
C ALA A 739 1.67 -28.29 -15.21
N ILE A 740 2.29 -29.35 -14.67
CA ILE A 740 2.43 -29.41 -13.21
C ILE A 740 3.36 -28.32 -12.69
N ILE A 741 4.38 -27.94 -13.46
CA ILE A 741 5.19 -26.77 -13.13
C ILE A 741 4.34 -25.52 -13.01
N ARG A 742 3.55 -25.22 -14.05
CA ARG A 742 2.84 -23.95 -14.06
C ARG A 742 1.72 -23.93 -13.02
N LEU A 743 1.15 -25.09 -12.70
CA LEU A 743 0.27 -25.19 -11.55
C LEU A 743 0.97 -24.77 -10.27
N TYR A 744 2.09 -25.43 -9.95
CA TYR A 744 2.75 -25.17 -8.67
C TYR A 744 3.13 -23.70 -8.54
N LEU A 745 3.76 -23.16 -9.59
CA LEU A 745 4.11 -21.75 -9.61
C LEU A 745 2.89 -20.84 -9.44
N THR A 746 1.75 -21.19 -10.03
CA THR A 746 0.60 -20.30 -9.91
C THR A 746 0.01 -20.33 -8.50
N VAL A 747 -0.10 -21.51 -7.91
CA VAL A 747 -0.59 -21.64 -6.54
C VAL A 747 0.26 -20.81 -5.57
N MET A 748 1.58 -20.95 -5.67
CA MET A 748 2.43 -20.17 -4.76
C MET A 748 2.42 -18.68 -5.09
N TYR A 749 2.35 -18.31 -6.36
CA TYR A 749 2.23 -16.90 -6.71
C TYR A 749 1.00 -16.29 -6.06
N ILE A 750 -0.15 -16.95 -6.19
CA ILE A 750 -1.38 -16.43 -5.60
C ILE A 750 -1.26 -16.29 -4.09
N MET A 751 -0.76 -17.32 -3.41
CA MET A 751 -0.64 -17.25 -1.95
C MET A 751 0.26 -16.12 -1.50
N LEU A 752 1.46 -16.02 -2.09
CA LEU A 752 2.38 -14.96 -1.67
C LEU A 752 1.84 -13.58 -2.02
N LYS A 753 1.29 -13.41 -3.23
CA LYS A 753 0.77 -12.11 -3.62
C LYS A 753 -0.32 -11.64 -2.68
N ASN A 754 -1.22 -12.54 -2.31
CA ASN A 754 -2.31 -12.14 -1.42
C ASN A 754 -1.81 -11.82 -0.02
N LEU A 755 -0.84 -12.57 0.50
CA LEU A 755 -0.26 -12.18 1.80
C LEU A 755 0.47 -10.83 1.74
N VAL A 756 1.12 -10.51 0.63
CA VAL A 756 1.75 -9.20 0.47
C VAL A 756 0.71 -8.09 0.41
N ASN A 757 -0.35 -8.28 -0.38
CA ASN A 757 -1.35 -7.23 -0.48
C ASN A 757 -2.18 -7.10 0.79
N VAL A 758 -2.28 -8.15 1.62
CA VAL A 758 -2.81 -7.99 2.97
C VAL A 758 -1.88 -7.10 3.81
N ASN A 759 -0.59 -7.41 3.82
CA ASN A 759 0.37 -6.63 4.59
C ASN A 759 0.34 -5.14 4.22
N ALA A 760 0.19 -4.85 2.92
CA ALA A 760 0.11 -3.47 2.47
C ALA A 760 -0.94 -2.64 3.19
N ARG A 761 -2.05 -3.26 3.59
CA ARG A 761 -3.09 -2.51 4.29
C ARG A 761 -2.61 -2.00 5.65
N TYR A 762 -1.93 -2.86 6.41
CA TYR A 762 -1.38 -2.41 7.69
C TYR A 762 -0.23 -1.43 7.49
N VAL A 763 0.47 -1.52 6.36
CA VAL A 763 1.48 -0.50 6.07
C VAL A 763 0.83 0.87 5.88
N ILE A 764 -0.28 0.92 5.14
CA ILE A 764 -1.05 2.16 5.02
C ILE A 764 -1.54 2.61 6.38
N ALA A 765 -1.96 1.66 7.21
CA ALA A 765 -2.50 1.99 8.52
C ALA A 765 -1.47 2.68 9.40
N PHE A 766 -0.29 2.08 9.56
CA PHE A 766 0.75 2.71 10.37
C PHE A 766 1.30 3.99 9.74
N HIS A 767 1.37 4.08 8.42
CA HIS A 767 1.65 5.37 7.79
C HIS A 767 0.66 6.45 8.22
N CYS A 768 -0.64 6.14 8.20
CA CYS A 768 -1.63 7.13 8.59
C CYS A 768 -1.56 7.44 10.07
N VAL A 769 -1.28 6.44 10.91
CA VAL A 769 -1.06 6.68 12.33
C VAL A 769 0.06 7.69 12.56
N GLU A 770 1.16 7.54 11.82
CA GLU A 770 2.28 8.47 11.97
C GLU A 770 1.93 9.86 11.43
N ARG A 771 1.24 9.92 10.30
CA ARG A 771 0.86 11.21 9.74
C ARG A 771 -0.07 11.96 10.68
N ASP A 772 -1.13 11.29 11.13
CA ASP A 772 -2.15 11.94 11.91
C ASP A 772 -1.65 12.31 13.30
N THR A 773 -0.67 11.59 13.85
CA THR A 773 0.01 12.10 15.03
C THR A 773 0.54 13.52 14.82
N LYS A 774 1.28 13.73 13.74
CA LYS A 774 1.87 15.04 13.46
C LYS A 774 0.81 16.08 13.18
N LEU A 775 -0.28 15.69 12.52
CA LEU A 775 -1.36 16.64 12.26
C LEU A 775 -2.12 17.03 13.54
N TYR A 776 -2.36 16.06 14.43
CA TYR A 776 -2.94 16.37 15.73
C TYR A 776 -2.03 17.23 16.59
N ALA A 777 -0.71 17.04 16.49
CA ALA A 777 0.21 17.90 17.23
C ALA A 777 0.06 19.36 16.84
N GLU A 778 -0.02 19.64 15.53
CA GLU A 778 -0.24 21.00 15.09
C GLU A 778 -1.60 21.54 15.52
N SER A 779 -2.59 20.66 15.70
CA SER A 779 -3.88 21.10 16.23
C SER A 779 -3.80 21.46 17.70
N GLY A 780 -2.99 20.74 18.47
CA GLY A 780 -2.75 21.11 19.85
C GLY A 780 -3.05 20.02 20.86
N LEU A 781 -3.35 18.82 20.38
CA LEU A 781 -3.53 17.68 21.26
C LEU A 781 -2.17 17.18 21.73
N GLU A 782 -2.04 16.98 23.05
CA GLU A 782 -0.79 16.50 23.65
C GLU A 782 -0.64 14.99 23.41
N VAL A 783 -0.41 14.65 22.15
CA VAL A 783 -0.27 13.24 21.77
C VAL A 783 1.07 12.67 22.26
N GLY A 784 2.10 13.51 22.36
CA GLY A 784 3.40 13.05 22.78
C GLY A 784 4.13 12.24 21.71
N ASN A 785 5.29 11.72 22.12
CA ASN A 785 6.17 10.99 21.21
C ASN A 785 5.59 9.62 20.90
N ILE A 786 5.12 9.44 19.65
CA ILE A 786 4.51 8.18 19.24
C ILE A 786 5.54 7.09 18.99
N GLU A 787 6.83 7.41 18.97
CA GLU A 787 7.84 6.37 18.85
C GLU A 787 7.85 5.47 20.08
N LYS A 788 7.62 6.05 21.26
CA LYS A 788 7.73 5.27 22.49
C LYS A 788 6.60 4.25 22.59
N ASN A 789 5.40 4.61 22.14
CA ASN A 789 4.26 3.70 22.17
C ASN A 789 3.27 4.14 21.12
N LYS A 790 2.97 3.25 20.16
CA LYS A 790 2.11 3.60 19.03
C LYS A 790 0.67 3.86 19.45
N THR A 791 0.21 3.30 20.58
CA THR A 791 -1.17 3.48 21.02
C THR A 791 -1.43 4.87 21.58
N ASN A 792 -0.40 5.69 21.74
CA ASN A 792 -0.56 6.98 22.40
C ASN A 792 -1.50 7.89 21.63
N LEU A 793 -1.57 7.78 20.30
CA LEU A 793 -2.49 8.63 19.55
C LEU A 793 -3.94 8.29 19.86
N THR A 794 -4.27 6.99 19.90
CA THR A 794 -5.59 6.56 20.34
C THR A 794 -5.89 7.01 21.76
N MET A 795 -4.94 6.81 22.68
CA MET A 795 -5.16 7.21 24.07
C MET A 795 -5.39 8.71 24.19
N ALA A 796 -4.60 9.51 23.48
CA ALA A 796 -4.78 10.96 23.49
C ALA A 796 -6.14 11.37 22.92
N VAL A 797 -6.52 10.78 21.79
CA VAL A 797 -7.81 11.12 21.19
C VAL A 797 -8.96 10.71 22.09
N MET A 798 -8.83 9.58 22.78
CA MET A 798 -9.85 9.20 23.74
C MET A 798 -9.79 10.00 25.04
N GLY A 799 -8.75 10.80 25.23
CA GLY A 799 -8.61 11.55 26.45
C GLY A 799 -8.26 10.74 27.68
N VAL A 800 -7.72 9.54 27.51
CA VAL A 800 -7.28 8.71 28.62
C VAL A 800 -5.76 8.77 28.72
N LYS A 801 -5.28 8.89 29.95
CA LYS A 801 -3.86 8.74 30.27
C LYS A 801 -3.65 7.41 30.97
N LEU A 802 -2.67 6.65 30.50
CA LEU A 802 -2.22 5.48 31.25
C LEU A 802 -1.39 5.93 32.45
N GLU A 803 -1.54 5.20 33.55
CA GLU A 803 -0.82 5.51 34.78
C GLU A 803 -0.48 4.20 35.47
N ASN A 804 0.67 4.18 36.15
CA ASN A 804 1.30 2.96 36.62
C ASN A 804 1.45 1.94 35.48
N GLY A 805 1.55 2.42 34.25
CA GLY A 805 1.66 1.58 33.08
C GLY A 805 0.37 0.97 32.55
N ILE A 806 -0.78 1.25 33.17
CA ILE A 806 -2.03 0.64 32.75
C ILE A 806 -3.11 1.71 32.63
N ILE A 807 -4.16 1.38 31.88
CA ILE A 807 -5.36 2.19 31.87
C ILE A 807 -6.04 2.09 33.23
N LYS A 808 -6.57 3.20 33.72
CA LYS A 808 -7.28 3.23 34.99
C LYS A 808 -8.72 3.72 34.87
N THR A 809 -8.97 4.70 34.02
CA THR A 809 -10.30 5.27 33.88
C THR A 809 -11.26 4.25 33.27
N GLU A 810 -12.17 3.73 34.10
CA GLU A 810 -13.28 2.93 33.62
C GLU A 810 -14.21 3.79 32.76
N PHE A 811 -15.00 3.13 31.92
CA PHE A 811 -15.81 3.82 30.94
C PHE A 811 -16.81 4.74 31.62
N ASP A 812 -16.84 6.00 31.17
CA ASP A 812 -17.86 6.96 31.55
C ASP A 812 -18.31 7.68 30.28
N LYS A 813 -19.63 7.80 30.10
CA LYS A 813 -20.20 8.51 28.96
C LYS A 813 -19.62 9.91 28.78
N SER A 814 -19.23 10.55 29.88
CA SER A 814 -18.66 11.89 29.81
C SER A 814 -17.47 11.99 28.86
N PHE A 815 -16.63 10.96 28.83
CA PHE A 815 -15.43 11.02 27.98
C PHE A 815 -15.77 11.00 26.50
N ALA A 816 -16.81 10.26 26.10
CA ALA A 816 -17.09 10.10 24.68
C ALA A 816 -17.41 11.43 24.02
N GLU A 817 -18.19 12.28 24.68
CA GLU A 817 -18.50 13.60 24.15
C GLU A 817 -17.28 14.51 24.03
N ASN A 818 -16.19 14.19 24.73
CA ASN A 818 -14.99 15.00 24.63
C ASN A 818 -14.01 14.57 23.54
N ALA A 819 -14.28 13.47 22.84
CA ALA A 819 -13.33 12.95 21.86
C ALA A 819 -13.02 14.00 20.80
N ALA A 820 -11.75 14.07 20.39
CA ALA A 820 -11.36 15.09 19.41
C ALA A 820 -11.99 14.83 18.04
N ASN A 821 -11.78 13.64 17.50
CA ASN A 821 -12.27 13.28 16.18
C ASN A 821 -13.77 13.02 16.21
N ARG A 822 -14.40 13.11 15.03
CA ARG A 822 -15.81 12.76 14.93
C ARG A 822 -16.03 11.26 15.06
N TYR A 823 -15.00 10.46 14.85
CA TYR A 823 -15.13 9.03 15.08
C TYR A 823 -15.31 8.81 16.58
N LEU A 824 -15.50 7.55 16.98
CA LEU A 824 -15.80 7.25 18.37
C LEU A 824 -17.02 8.05 18.80
N ARG A 825 -16.89 8.84 19.87
CA ARG A 825 -17.99 9.67 20.37
C ARG A 825 -19.28 8.88 20.50
N ASN A 826 -19.15 7.59 20.79
CA ASN A 826 -20.28 6.71 20.98
C ASN A 826 -19.92 5.71 22.06
N ALA A 827 -20.91 5.34 22.88
CA ALA A 827 -20.65 4.46 24.01
C ALA A 827 -20.11 3.11 23.57
N ARG A 828 -20.73 2.51 22.56
CA ARG A 828 -20.36 1.16 22.17
C ARG A 828 -18.88 1.09 21.77
N TRP A 829 -18.47 1.95 20.84
CA TRP A 829 -17.10 1.84 20.37
C TRP A 829 -16.10 2.42 21.36
N TYR A 830 -16.37 3.59 21.95
CA TYR A 830 -15.44 4.03 22.99
C TYR A 830 -15.21 2.95 24.04
N LYS A 831 -16.22 2.12 24.29
CA LYS A 831 -16.09 1.05 25.28
C LYS A 831 -15.33 -0.14 24.75
N LEU A 832 -15.58 -0.54 23.50
CA LEU A 832 -14.87 -1.69 22.95
C LEU A 832 -13.41 -1.35 22.67
N ILE A 833 -13.14 -0.12 22.23
CA ILE A 833 -11.76 0.34 22.11
C ILE A 833 -11.09 0.31 23.47
N LEU A 834 -11.72 0.89 24.49
CA LEU A 834 -11.06 0.98 25.78
C LEU A 834 -10.75 -0.40 26.34
N ASP A 835 -11.72 -1.32 26.27
CA ASP A 835 -11.54 -2.67 26.77
C ASP A 835 -10.60 -3.51 25.92
N ASN A 836 -10.35 -3.14 24.66
CA ASN A 836 -9.30 -3.81 23.91
C ASN A 836 -7.94 -3.21 24.18
N LEU A 837 -7.89 -1.90 24.41
CA LEU A 837 -6.65 -1.21 24.72
C LEU A 837 -6.09 -1.64 26.07
N LYS A 838 -6.97 -1.89 27.05
CA LYS A 838 -6.51 -2.43 28.33
C LYS A 838 -5.75 -3.75 28.17
N LYS A 839 -5.98 -4.47 27.09
CA LYS A 839 -5.29 -5.74 26.82
C LYS A 839 -4.11 -5.60 25.87
N SER A 840 -3.84 -4.39 25.38
CA SER A 840 -2.87 -4.15 24.32
C SER A 840 -1.49 -3.84 24.88
N GLU A 841 -0.68 -4.88 25.06
CA GLU A 841 0.67 -4.70 25.60
C GLU A 841 1.58 -3.95 24.63
N ARG A 842 2.27 -2.93 25.15
CA ARG A 842 3.04 -2.02 24.32
C ARG A 842 4.10 -2.74 23.50
N ALA A 843 4.85 -3.65 24.14
CA ALA A 843 5.90 -4.37 23.44
C ALA A 843 5.33 -5.21 22.30
N VAL A 844 4.19 -5.85 22.55
CA VAL A 844 3.53 -6.64 21.52
C VAL A 844 3.13 -5.75 20.35
N VAL A 845 2.58 -4.57 20.64
CA VAL A 845 2.17 -3.66 19.57
C VAL A 845 3.36 -3.18 18.75
N ASN A 846 4.46 -2.85 19.41
CA ASN A 846 5.66 -2.43 18.68
C ASN A 846 6.24 -3.56 17.82
N GLU A 847 6.27 -4.78 18.35
CA GLU A 847 6.78 -5.88 17.55
C GLU A 847 5.85 -6.21 16.39
N PHE A 848 4.53 -6.10 16.60
CA PHE A 848 3.60 -6.18 15.47
C PHE A 848 3.88 -5.13 14.42
N ARG A 849 4.13 -3.89 14.85
CA ARG A 849 4.44 -2.81 13.92
C ARG A 849 5.67 -3.14 13.08
N ASN A 850 6.75 -3.58 13.74
CA ASN A 850 7.96 -3.92 13.00
C ASN A 850 7.76 -5.12 12.09
N THR A 851 6.98 -6.11 12.54
CA THR A 851 6.66 -7.27 11.71
C THR A 851 5.90 -6.86 10.46
N VAL A 852 4.99 -5.90 10.58
CA VAL A 852 4.30 -5.36 9.42
C VAL A 852 5.27 -4.61 8.50
N CYS A 853 6.02 -3.67 9.05
CA CYS A 853 6.77 -2.75 8.20
C CYS A 853 7.95 -3.42 7.50
N HIS A 854 8.57 -4.40 8.13
CA HIS A 854 9.67 -5.14 7.50
C HIS A 854 9.21 -6.39 6.77
N LEU A 855 7.93 -6.77 6.88
CA LEU A 855 7.40 -8.00 6.30
C LEU A 855 8.09 -9.25 6.84
N ASN A 856 8.62 -9.17 8.07
CA ASN A 856 9.28 -10.31 8.69
C ASN A 856 8.35 -11.50 8.85
N ALA A 857 7.04 -11.26 8.94
CA ALA A 857 6.07 -12.34 9.02
C ALA A 857 6.13 -13.29 7.82
N ILE A 858 6.31 -12.75 6.62
CA ILE A 858 6.39 -13.61 5.44
C ILE A 858 7.81 -14.03 5.07
N ARG A 859 8.84 -13.31 5.53
CA ARG A 859 10.20 -13.83 5.42
C ARG A 859 10.36 -15.15 6.18
N ASN A 860 9.79 -15.24 7.38
CA ASN A 860 9.81 -16.46 8.18
C ASN A 860 8.60 -17.35 7.93
N ILE A 861 8.00 -17.25 6.74
CA ILE A 861 6.76 -17.97 6.43
C ILE A 861 6.86 -19.44 6.79
N ASN A 862 7.99 -20.07 6.50
CA ASN A 862 8.16 -21.51 6.76
C ASN A 862 7.82 -21.89 8.19
N ILE A 863 8.19 -21.05 9.15
CA ILE A 863 7.96 -21.39 10.55
C ILE A 863 6.61 -20.88 11.02
N ASN A 864 6.27 -19.64 10.67
CA ASN A 864 5.04 -19.01 11.13
C ASN A 864 3.79 -19.73 10.65
N ILE A 865 3.90 -20.62 9.65
CA ILE A 865 2.74 -21.30 9.07
C ILE A 865 2.61 -22.73 9.58
N LYS A 866 3.48 -23.18 10.45
CA LYS A 866 3.50 -24.56 10.89
C LYS A 866 2.25 -24.90 11.71
N GLU A 867 1.85 -26.17 11.64
CA GLU A 867 0.80 -26.76 12.45
C GLU A 867 -0.58 -26.12 12.29
N ILE A 868 -0.76 -25.24 11.30
CA ILE A 868 -2.06 -24.58 11.13
C ILE A 868 -3.13 -25.62 10.83
N LYS A 869 -4.20 -25.61 11.64
CA LYS A 869 -5.19 -26.67 11.58
C LYS A 869 -6.19 -26.46 10.44
N GLU A 870 -6.56 -25.21 10.17
CA GLU A 870 -7.43 -24.86 9.06
C GLU A 870 -7.08 -23.45 8.62
N VAL A 871 -7.39 -23.15 7.35
CA VAL A 871 -7.28 -21.79 6.84
C VAL A 871 -8.66 -21.34 6.40
N GLU A 872 -9.17 -20.28 7.01
CA GLU A 872 -10.51 -19.79 6.71
C GLU A 872 -10.49 -18.78 5.58
N ASN A 873 -9.47 -17.93 5.54
CA ASN A 873 -9.27 -16.95 4.48
C ASN A 873 -7.89 -16.36 4.65
N TYR A 874 -7.50 -15.53 3.68
CA TYR A 874 -6.18 -14.90 3.70
C TYR A 874 -5.99 -14.03 4.94
N PHE A 875 -7.06 -13.46 5.47
CA PHE A 875 -6.97 -12.77 6.76
C PHE A 875 -6.59 -13.71 7.90
N ALA A 876 -7.27 -14.84 8.00
CA ALA A 876 -6.93 -15.81 9.05
C ALA A 876 -5.55 -16.40 8.87
N LEU A 877 -5.08 -16.54 7.64
CA LEU A 877 -3.72 -17.02 7.42
C LEU A 877 -2.69 -15.97 7.80
N TYR A 878 -2.86 -14.73 7.34
CA TYR A 878 -1.88 -13.69 7.64
C TYR A 878 -1.79 -13.43 9.13
N HIS A 879 -2.94 -13.35 9.81
CA HIS A 879 -2.90 -13.17 11.26
C HIS A 879 -2.44 -14.42 12.00
N TYR A 880 -2.62 -15.63 11.45
CA TYR A 880 -1.98 -16.77 12.08
C TYR A 880 -0.47 -16.67 11.99
N LEU A 881 0.04 -16.27 10.82
CA LEU A 881 1.46 -16.01 10.66
C LEU A 881 1.98 -15.02 11.69
N ILE A 882 1.27 -13.89 11.84
CA ILE A 882 1.73 -12.88 12.80
C ILE A 882 1.64 -13.39 14.23
N GLN A 883 0.53 -14.02 14.61
CA GLN A 883 0.41 -14.51 15.97
C GLN A 883 1.48 -15.55 16.28
N LYS A 884 1.84 -16.37 15.28
CA LYS A 884 2.89 -17.36 15.47
C LYS A 884 4.23 -16.68 15.63
N HIS A 885 4.50 -15.63 14.83
CA HIS A 885 5.75 -14.90 14.96
C HIS A 885 5.85 -14.27 16.35
N LEU A 886 4.77 -13.64 16.81
CA LEU A 886 4.71 -13.02 18.12
C LEU A 886 4.79 -14.05 19.24
N GLU A 887 4.47 -15.31 18.96
CA GLU A 887 4.59 -16.37 19.95
C GLU A 887 6.00 -16.93 19.95
N ASN A 888 6.61 -17.05 18.78
CA ASN A 888 7.99 -17.49 18.69
C ASN A 888 8.87 -16.52 19.44
N ARG A 889 8.70 -15.23 19.18
CA ARG A 889 9.42 -14.26 19.98
C ARG A 889 8.62 -14.08 21.27
N PHE A 890 9.17 -13.35 22.24
CA PHE A 890 8.54 -13.17 23.53
C PHE A 890 8.42 -14.48 24.31
N ALA A 891 9.06 -15.55 23.81
CA ALA A 891 9.08 -16.81 24.54
C ALA A 891 9.83 -16.65 25.86
N ASP A 892 10.86 -15.80 25.86
CA ASP A 892 11.63 -15.48 27.06
C ASP A 892 11.14 -14.18 27.67
N LYS A 893 11.01 -13.13 26.85
CA LYS A 893 10.58 -11.83 27.33
C LYS A 893 9.17 -11.95 27.88
N LYS A 894 8.98 -11.58 29.14
CA LYS A 894 7.72 -11.84 29.83
C LYS A 894 6.58 -11.07 29.18
N VAL A 895 5.40 -11.68 29.20
CA VAL A 895 4.17 -11.09 28.70
C VAL A 895 3.11 -11.19 29.79
N GLU A 896 2.23 -10.18 29.85
CA GLU A 896 1.21 -10.13 30.87
C GLU A 896 0.08 -11.13 30.59
N ARG A 897 -0.73 -11.34 31.64
CA ARG A 897 -1.61 -12.50 31.73
C ARG A 897 -2.52 -12.62 30.51
N ASP A 898 -3.04 -11.50 30.02
CA ASP A 898 -3.99 -11.55 28.91
C ASP A 898 -3.31 -11.98 27.60
N THR A 899 -2.06 -11.58 27.40
CA THR A 899 -1.36 -12.07 26.22
C THR A 899 -0.91 -13.52 26.40
N GLY A 900 -0.55 -13.91 27.62
CA GLY A 900 -0.28 -15.33 27.87
C GLY A 900 -1.49 -16.20 27.59
N ASP A 901 -2.68 -15.73 27.95
CA ASP A 901 -3.92 -16.44 27.63
C ASP A 901 -4.19 -16.46 26.13
N PHE A 902 -3.95 -15.35 25.43
CA PHE A 902 -4.09 -15.36 23.98
C PHE A 902 -3.17 -16.39 23.33
N ILE A 903 -1.91 -16.43 23.76
CA ILE A 903 -0.95 -17.38 23.20
C ILE A 903 -1.32 -18.82 23.54
N SER A 904 -1.86 -19.05 24.74
CA SER A 904 -2.41 -20.37 25.05
C SER A 904 -3.58 -20.75 24.15
N LYS A 905 -4.51 -19.82 23.90
CA LYS A 905 -5.59 -20.10 22.96
C LYS A 905 -5.06 -20.38 21.57
N LEU A 906 -4.03 -19.66 21.14
CA LEU A 906 -3.40 -19.92 19.85
C LEU A 906 -2.81 -21.34 19.78
N GLU A 907 -2.12 -21.76 20.82
CA GLU A 907 -1.55 -23.10 20.84
C GLU A 907 -2.58 -24.20 21.11
N GLU A 908 -3.76 -23.85 21.58
CA GLU A 908 -4.84 -24.83 21.74
C GLU A 908 -5.66 -25.02 20.47
N HIS A 909 -6.08 -23.92 19.84
CA HIS A 909 -6.96 -23.97 18.67
C HIS A 909 -6.21 -24.03 17.35
N LYS A 910 -4.88 -23.91 17.37
CA LYS A 910 -4.05 -24.04 16.16
C LYS A 910 -4.55 -23.15 15.02
N THR A 911 -5.19 -22.04 15.37
CA THR A 911 -5.76 -21.09 14.42
C THR A 911 -5.77 -19.72 15.08
N TYR A 912 -5.80 -18.68 14.26
CA TYR A 912 -5.61 -17.32 14.76
C TYR A 912 -6.69 -16.97 15.79
N CYS A 913 -6.24 -16.40 16.92
CA CYS A 913 -7.14 -15.95 17.97
C CYS A 913 -7.70 -14.59 17.63
N LYS A 914 -9.02 -14.50 17.46
CA LYS A 914 -9.65 -13.27 16.98
C LYS A 914 -9.62 -12.15 18.02
N ASP A 915 -9.52 -12.49 19.31
CA ASP A 915 -9.35 -11.46 20.33
C ASP A 915 -8.00 -10.77 20.20
N PHE A 916 -6.96 -11.52 19.83
CA PHE A 916 -5.62 -10.95 19.83
C PHE A 916 -5.46 -9.90 18.74
N VAL A 917 -6.05 -10.14 17.57
CA VAL A 917 -5.92 -9.16 16.49
C VAL A 917 -6.64 -7.86 16.87
N LYS A 918 -7.82 -7.96 17.49
CA LYS A 918 -8.51 -6.75 17.90
C LYS A 918 -7.80 -6.09 19.06
N ALA A 919 -6.94 -6.83 19.77
CA ALA A 919 -6.11 -6.21 20.79
C ALA A 919 -4.99 -5.40 20.15
N TYR A 920 -4.09 -6.06 19.42
CA TYR A 920 -2.93 -5.31 18.93
C TYR A 920 -3.24 -4.37 17.77
N CYS A 921 -4.44 -4.40 17.18
CA CYS A 921 -4.83 -3.34 16.25
C CYS A 921 -5.30 -2.05 16.90
N THR A 922 -5.38 -1.98 18.23
CA THR A 922 -5.81 -0.78 18.94
C THR A 922 -5.11 0.55 18.63
N PRO A 923 -3.86 0.58 18.15
CA PRO A 923 -3.32 1.88 17.70
C PRO A 923 -4.07 2.52 16.55
N PHE A 924 -4.84 1.77 15.77
CA PHE A 924 -5.62 2.36 14.69
C PHE A 924 -6.98 2.89 15.15
N GLY A 925 -7.36 2.63 16.39
CA GLY A 925 -8.70 2.92 16.87
C GLY A 925 -9.13 4.37 16.71
N TYR A 926 -8.19 5.31 16.67
CA TYR A 926 -8.54 6.71 16.48
C TYR A 926 -9.24 6.95 15.15
N ASN A 927 -9.14 6.02 14.21
CA ASN A 927 -9.93 6.01 12.98
C ASN A 927 -10.74 4.73 13.03
N LEU A 928 -11.97 4.83 13.52
CA LEU A 928 -12.78 3.66 13.78
C LEU A 928 -13.02 2.85 12.52
N VAL A 929 -13.25 3.52 11.39
CA VAL A 929 -13.56 2.78 10.17
C VAL A 929 -12.39 1.86 9.82
N ARG A 930 -11.16 2.36 9.94
CA ARG A 930 -9.99 1.53 9.69
C ARG A 930 -9.89 0.42 10.72
N TYR A 931 -10.07 0.78 12.00
CA TYR A 931 -9.91 -0.20 13.06
C TYR A 931 -10.85 -1.36 12.83
N LYS A 932 -12.09 -1.07 12.42
CA LYS A 932 -13.10 -2.10 12.24
C LYS A 932 -12.78 -2.91 10.98
N ASN A 933 -12.45 -2.22 9.88
CA ASN A 933 -12.18 -2.92 8.63
C ASN A 933 -11.05 -3.92 8.81
N LEU A 934 -10.04 -3.58 9.61
CA LEU A 934 -8.89 -4.47 9.78
C LEU A 934 -9.08 -5.54 10.85
N THR A 935 -9.96 -5.35 11.84
CA THR A 935 -9.97 -6.28 12.96
C THR A 935 -10.82 -7.52 12.71
N ILE A 936 -11.67 -7.52 11.69
CA ILE A 936 -12.57 -8.64 11.43
C ILE A 936 -12.68 -8.88 9.94
N ASP A 937 -12.64 -10.17 9.57
CA ASP A 937 -12.50 -10.60 8.19
C ASP A 937 -13.61 -10.09 7.27
N GLY A 938 -14.87 -10.13 7.74
CA GLY A 938 -15.98 -9.76 6.88
C GLY A 938 -15.92 -8.37 6.28
N LEU A 939 -15.16 -7.47 6.89
CA LEU A 939 -15.02 -6.12 6.37
C LEU A 939 -13.66 -5.83 5.74
N PHE A 940 -12.74 -6.80 5.74
CA PHE A 940 -11.37 -6.49 5.35
C PHE A 940 -11.26 -6.19 3.86
N ASP A 941 -11.73 -7.10 3.02
CA ASP A 941 -11.54 -7.01 1.58
C ASP A 941 -12.86 -6.75 0.89
N LYS A 942 -12.90 -5.66 0.11
CA LYS A 942 -14.10 -5.28 -0.63
C LYS A 942 -14.50 -6.33 -1.65
N ASN A 943 -13.58 -7.21 -2.05
CA ASN A 943 -13.89 -8.24 -3.03
C ASN A 943 -14.52 -9.48 -2.41
N TYR A 944 -14.44 -9.65 -1.09
CA TYR A 944 -14.98 -10.83 -0.40
C TYR A 944 -15.76 -10.39 0.83
N PRO A 945 -16.87 -9.65 0.63
CA PRO A 945 -17.71 -9.26 1.77
C PRO A 945 -18.13 -10.47 2.61
N GLY A 946 -18.34 -10.23 3.90
CA GLY A 946 -18.74 -11.28 4.80
C GLY A 946 -19.43 -10.72 6.02
N LYS A 947 -19.84 -11.62 6.91
CA LYS A 947 -20.67 -11.26 8.05
C LYS A 947 -19.90 -10.37 9.02
N ASP A 948 -20.58 -9.35 9.54
CA ASP A 948 -20.05 -8.54 10.63
C ASP A 948 -20.37 -9.21 11.97
N ASP A 949 -19.53 -8.92 12.97
CA ASP A 949 -19.69 -9.47 14.31
C ASP A 949 -20.10 -8.37 15.27
N SER A 950 -21.20 -8.60 15.98
CA SER A 950 -21.77 -7.60 16.88
C SER A 950 -21.05 -7.62 18.23
MG MG D . 13.98 13.83 12.57
MG MG E . -10.44 9.34 0.13
#